data_1KWO
#
_entry.id   1KWO
#
_cell.length_a   51.816
_cell.length_b   57.028
_cell.length_c   151.708
_cell.angle_alpha   95.16
_cell.angle_beta   96.45
_cell.angle_gamma   100.93
#
_symmetry.space_group_name_H-M   'P 1'
#
loop_
_entity.id
_entity.type
_entity.pdbx_description
1 polymer 'MYOSIN HEAVY CHAIN'
2 polymer 'MYOSIN REGULATORY LIGHT CHAIN'
3 polymer 'MYOSIN ESSENTIAL LIGHT CHAIN'
4 non-polymer 'MAGNESIUM ION'
5 non-polymer 'PHOSPHOTHIOPHOSPHORIC ACID-ADENYLATE ESTER'
6 non-polymer '4-[4-(2,5-DIOXO-PYRROLIDIN-1-YL)-PHENYLAMINO]-4-HYDROXY-BUTYRIC ACID'
7 non-polymer 'CALCIUM ION'
8 water water
#
loop_
_entity_poly.entity_id
_entity_poly.type
_entity_poly.pdbx_seq_one_letter_code
_entity_poly.pdbx_strand_id
1 'polypeptide(L)'
;MNIDFSDPDFQYLAVDRKKLMKEQTAAFDGKKNCWVPDEKEGFASAEIQSSKGDEITVKIVADSSTRTVKKDDIQSMNPP
KFEKLEDMANMTYLNEASVLYNLRSRYTSGLIYTYSGLFCIAVNPYRRLPIYTDSVIAKYRGKRKTEIPPHLFSVADNAY
QNMVTDRENQSCLITGESGAGKTENTKKVIMYLAKVACAVKKKDEEASDKKEGSLEDQIIQANPVLEAYGNAKTTRNNNS
SRFGKFIRIHFGPTGKIAGADIETYLLEKSRVTYQQSAERNYHIFYQICSNAIPELNDVMLVTPDSGLYSFINQGCLTVD
NIDDVEEFKLCDEAFDILGFTKEEKQSMFKCTASILHMGEMKFKQRPREEQAESDGTAEAEKVAFLCGINAGDLLKALLK
PKVKVGTEMVTKGQNMNQVVNSVGALAKSLYDRMFNWLVRRVNKTLDTKAKRNYYIGVLDIAGFEIFDFNSFEQLCINYT
NERLQQFFNHHMFILEQEEYKKEGIAWEFIDFGMDLQMCIDLIEKPMGILSILEEECMFPKADDKSFQDKLYQNHMGKNR
MFTKPGKPTRPNQGPAHFELHHYAGNVPYSITGWLEKNKDPINENVVALLGASKEPLVAELFKAPEEPAGGGKKKKGKSS
AFQTISAVHRESLNKLMKNLYSTHPHFVRCIIPNELKQPGLVDAELVLHQLQCNGVLEGIRICRKGFPSRLIYSEFKQRY
SILAPNAIPQGFVDGKTVSEKILAGLQMDPAEYRLGTTKVFFKAGVLGNLEEMRDERLSKIISMFQAHIRGYLIRKAYKK
LQDQRIGLSVIQRNIRKWLVLRNWQWWKLYSKVKP
;
A
2 'polypeptide(L)'
;ADKAASGVLTKLPQKQIQEMKEAFSMIDVDRDGFVSKEDIKAISEQLGRAPDDKELTAMLKEAPGPLNFTMFLSIFSDKL
SGTDSEETIRNAFAMFDEQETKKLNIEYIKDLLENMGDNFNKDEMRMTFKEAPVEGGKFDYVKFTAMIKGSGEEEA
;
B
3 'polypeptide(L)'
;PKLSQDEIDDLKDVFELFDFWDGRDGAVDAFKLGDVCRCLGINPRNEDVFAVGGTHKMGEKSLPFEEFLPAYEGLMDCEQ
GTFADYMEAFKTFDREGQGFISGAELRHVLTALGERLSDEDVDEIIKLTDLQEDLEGNVKYEDFVKKVMAGPYPDK
;
C
#
# COMPACT_ATOMS: atom_id res chain seq x y z
N PHE A 5 15.02 -13.17 39.41
CA PHE A 5 13.97 -12.94 40.44
C PHE A 5 12.71 -13.74 40.59
N SER A 6 11.94 -13.06 41.43
CA SER A 6 10.68 -13.39 41.98
C SER A 6 9.49 -12.64 41.43
N ASP A 7 8.67 -12.20 42.36
CA ASP A 7 7.42 -11.56 42.00
C ASP A 7 6.83 -10.84 43.22
N PRO A 8 7.47 -9.75 43.68
CA PRO A 8 7.08 -8.91 44.83
C PRO A 8 5.66 -8.36 44.67
N ASP A 9 5.58 -7.21 44.02
CA ASP A 9 4.31 -6.52 43.71
C ASP A 9 4.76 -5.80 42.43
N PHE A 10 5.16 -6.63 41.48
CA PHE A 10 5.65 -6.26 40.16
C PHE A 10 4.55 -6.55 39.17
N GLN A 11 3.39 -6.95 39.70
CA GLN A 11 2.27 -7.35 38.87
C GLN A 11 1.87 -6.50 37.68
N TYR A 12 2.49 -5.36 37.47
CA TYR A 12 2.07 -4.55 36.34
C TYR A 12 3.25 -4.01 35.60
N LEU A 13 4.31 -3.77 36.34
CA LEU A 13 5.52 -3.27 35.74
C LEU A 13 6.45 -4.44 35.51
N ALA A 14 5.90 -5.57 35.07
CA ALA A 14 6.67 -6.78 34.81
C ALA A 14 5.74 -7.73 34.07
N VAL A 15 6.28 -8.39 33.04
CA VAL A 15 5.49 -9.31 32.21
C VAL A 15 5.30 -10.66 32.86
N ASP A 16 4.79 -10.60 34.08
CA ASP A 16 4.56 -11.74 34.95
C ASP A 16 4.11 -13.12 34.46
N ARG A 17 4.78 -14.08 35.10
CA ARG A 17 4.65 -15.54 35.00
C ARG A 17 4.71 -16.35 33.71
N LYS A 18 4.19 -17.57 33.86
CA LYS A 18 4.14 -18.59 32.81
C LYS A 18 2.87 -18.73 32.00
N LYS A 19 2.35 -17.66 31.45
CA LYS A 19 1.21 -17.84 30.58
C LYS A 19 1.93 -18.46 29.38
N LEU A 20 3.25 -18.36 29.46
CA LEU A 20 4.21 -18.85 28.45
C LEU A 20 4.41 -20.34 28.44
N MET A 21 3.46 -21.11 28.92
CA MET A 21 3.73 -22.53 29.01
C MET A 21 3.15 -23.62 28.11
N LYS A 22 1.83 -23.75 28.05
CA LYS A 22 1.19 -24.87 27.37
C LYS A 22 1.14 -25.27 25.89
N GLU A 23 0.36 -24.54 25.08
CA GLU A 23 0.17 -24.91 23.69
C GLU A 23 0.75 -23.93 22.68
N ALA A 27 1.96 -26.07 17.09
CA ALA A 27 0.73 -25.30 16.90
C ALA A 27 1.14 -24.02 16.21
N PHE A 28 2.16 -24.13 15.39
CA PHE A 28 2.63 -23.00 14.63
C PHE A 28 3.44 -23.35 13.40
N ASP A 29 3.16 -22.65 12.31
CA ASP A 29 3.84 -22.88 11.04
C ASP A 29 4.09 -21.58 10.28
N GLY A 30 5.33 -21.40 9.82
CA GLY A 30 5.69 -20.20 9.09
C GLY A 30 4.84 -19.94 7.87
N LYS A 31 3.85 -20.79 7.63
CA LYS A 31 2.97 -20.59 6.50
C LYS A 31 1.50 -20.52 6.86
N LYS A 32 0.91 -21.63 7.30
CA LYS A 32 -0.49 -21.63 7.66
C LYS A 32 -0.93 -20.37 8.43
N ASN A 33 -0.15 -20.06 9.48
CA ASN A 33 -0.41 -18.91 10.34
C ASN A 33 0.14 -17.61 9.75
N CYS A 34 -0.64 -16.55 9.82
CA CYS A 34 -0.21 -15.25 9.32
C CYS A 34 -1.30 -14.22 9.57
N TRP A 35 -0.99 -12.97 9.28
CA TRP A 35 -1.94 -11.90 9.50
C TRP A 35 -2.60 -11.42 8.22
N VAL A 36 -3.90 -11.18 8.30
CA VAL A 36 -4.67 -10.69 7.16
C VAL A 36 -5.55 -9.50 7.57
N PRO A 37 -5.79 -8.59 6.63
CA PRO A 37 -6.62 -7.40 6.85
C PRO A 37 -7.94 -7.76 7.48
N ASP A 38 -8.57 -6.76 8.10
CA ASP A 38 -9.84 -6.92 8.80
C ASP A 38 -10.44 -5.58 9.22
N GLU A 39 -11.55 -5.20 8.60
CA GLU A 39 -12.20 -3.93 8.92
C GLU A 39 -12.50 -3.81 10.43
N LYS A 40 -12.65 -4.93 11.12
CA LYS A 40 -12.94 -4.90 12.56
C LYS A 40 -11.71 -4.62 13.43
N GLU A 41 -11.11 -5.67 13.98
CA GLU A 41 -9.94 -5.54 14.84
C GLU A 41 -8.59 -5.42 14.12
N GLY A 42 -8.49 -4.52 13.14
CA GLY A 42 -7.25 -4.34 12.41
C GLY A 42 -6.92 -5.55 11.56
N PHE A 43 -5.99 -6.36 12.03
CA PHE A 43 -5.60 -7.57 11.33
C PHE A 43 -6.07 -8.81 12.08
N ALA A 44 -6.11 -9.96 11.41
CA ALA A 44 -6.54 -11.18 12.08
C ALA A 44 -5.70 -12.43 11.78
N SER A 45 -5.70 -13.35 12.74
CA SER A 45 -4.95 -14.59 12.59
C SER A 45 -5.72 -15.52 11.68
N ALA A 46 -4.99 -16.19 10.81
CA ALA A 46 -5.61 -17.09 9.87
C ALA A 46 -4.75 -18.29 9.55
N GLU A 47 -5.34 -19.21 8.83
CA GLU A 47 -4.66 -20.41 8.40
C GLU A 47 -4.92 -20.57 6.92
N ILE A 48 -3.87 -20.39 6.12
CA ILE A 48 -3.97 -20.52 4.68
C ILE A 48 -4.57 -21.90 4.40
N GLN A 49 -5.63 -21.95 3.63
CA GLN A 49 -6.23 -23.23 3.35
C GLN A 49 -6.11 -23.60 1.87
N SER A 50 -5.55 -22.69 1.06
CA SER A 50 -5.37 -22.95 -0.37
C SER A 50 -4.72 -21.78 -1.10
N SER A 51 -3.88 -22.09 -2.08
CA SER A 51 -3.19 -21.05 -2.83
C SER A 51 -3.46 -21.12 -4.33
N LYS A 52 -4.11 -20.10 -4.88
CA LYS A 52 -4.43 -20.09 -6.30
C LYS A 52 -3.77 -18.93 -7.04
N GLY A 53 -2.46 -18.81 -6.90
CA GLY A 53 -1.75 -17.73 -7.57
C GLY A 53 -1.84 -16.41 -6.82
N ASP A 54 -2.29 -15.35 -7.49
CA ASP A 54 -2.37 -14.04 -6.87
C ASP A 54 -3.55 -13.83 -5.91
N GLU A 55 -4.01 -14.89 -5.26
CA GLU A 55 -5.14 -14.74 -4.35
C GLU A 55 -5.14 -15.83 -3.29
N ILE A 56 -4.19 -15.74 -2.36
CA ILE A 56 -4.07 -16.72 -1.30
C ILE A 56 -5.38 -16.86 -0.53
N THR A 57 -6.04 -18.00 -0.61
CA THR A 57 -7.26 -18.18 0.15
C THR A 57 -7.01 -18.74 1.55
N VAL A 58 -7.37 -17.95 2.57
CA VAL A 58 -7.17 -18.33 3.97
C VAL A 58 -8.45 -18.42 4.75
N LYS A 59 -8.33 -18.72 6.03
CA LYS A 59 -9.49 -18.81 6.89
C LYS A 59 -9.27 -18.12 8.23
N ILE A 60 -10.24 -17.31 8.64
CA ILE A 60 -10.19 -16.59 9.91
C ILE A 60 -10.26 -17.56 11.07
N VAL A 61 -9.14 -17.71 11.77
CA VAL A 61 -9.04 -18.61 12.90
C VAL A 61 -9.98 -18.26 14.06
N ALA A 62 -10.35 -16.99 14.15
CA ALA A 62 -11.25 -16.54 15.21
C ALA A 62 -12.62 -17.19 15.03
N ASP A 63 -13.45 -16.60 14.19
CA ASP A 63 -14.78 -17.14 13.94
C ASP A 63 -14.76 -18.31 12.97
N SER A 64 -13.57 -18.82 12.70
CA SER A 64 -13.39 -19.94 11.80
C SER A 64 -14.02 -19.68 10.44
N SER A 65 -14.11 -18.41 10.03
CA SER A 65 -14.69 -18.07 8.73
C SER A 65 -13.68 -18.40 7.62
N THR A 66 -14.05 -18.18 6.36
CA THR A 66 -13.12 -18.44 5.24
C THR A 66 -13.22 -17.37 4.16
N ARG A 67 -12.42 -16.32 4.28
CA ARG A 67 -12.43 -15.23 3.31
C ARG A 67 -11.27 -15.41 2.36
N THR A 68 -10.94 -14.36 1.63
CA THR A 68 -9.83 -14.43 0.70
C THR A 68 -9.01 -13.18 0.72
N VAL A 69 -7.70 -13.31 0.63
CA VAL A 69 -6.83 -12.15 0.67
C VAL A 69 -5.65 -12.28 -0.28
N LYS A 70 -5.38 -11.23 -1.03
CA LYS A 70 -4.30 -11.22 -2.01
C LYS A 70 -2.96 -11.47 -1.34
N LYS A 71 -2.14 -12.30 -1.95
CA LYS A 71 -0.85 -12.62 -1.35
C LYS A 71 -0.25 -11.38 -0.70
N ASP A 72 -0.05 -10.34 -1.49
CA ASP A 72 0.57 -9.12 -1.01
C ASP A 72 0.07 -8.61 0.31
N ASP A 73 -1.20 -8.22 0.35
CA ASP A 73 -1.81 -7.70 1.55
C ASP A 73 -1.57 -8.54 2.79
N ILE A 74 -1.22 -9.81 2.62
CA ILE A 74 -0.97 -10.63 3.78
C ILE A 74 0.22 -10.17 4.61
N GLN A 75 0.18 -10.44 5.90
CA GLN A 75 1.27 -10.05 6.79
C GLN A 75 1.82 -11.30 7.43
N SER A 76 3.10 -11.25 7.80
CA SER A 76 3.72 -12.42 8.40
C SER A 76 3.86 -12.37 9.93
N MET A 77 3.23 -13.37 10.54
CA MET A 77 3.15 -13.59 11.98
C MET A 77 4.38 -14.16 12.67
N ASN A 78 4.66 -13.65 13.88
CA ASN A 78 5.82 -14.11 14.65
C ASN A 78 5.39 -15.32 15.46
N PRO A 79 6.35 -16.18 15.84
CA PRO A 79 6.10 -17.40 16.62
C PRO A 79 5.77 -17.10 18.07
N PRO A 80 5.13 -18.04 18.76
CA PRO A 80 4.79 -17.83 20.18
C PRO A 80 6.03 -17.63 21.05
N LYS A 81 7.17 -17.44 20.39
CA LYS A 81 8.42 -17.24 21.12
C LYS A 81 8.42 -15.81 21.59
N PHE A 82 8.50 -14.91 20.63
CA PHE A 82 8.53 -13.49 20.93
C PHE A 82 7.22 -12.97 21.50
N GLU A 83 6.41 -13.83 22.10
CA GLU A 83 5.13 -13.42 22.64
C GLU A 83 5.26 -12.36 23.74
N LYS A 84 4.63 -11.20 23.52
CA LYS A 84 4.69 -10.07 24.45
C LYS A 84 6.14 -9.69 24.78
N LEU A 85 6.98 -9.62 23.74
CA LEU A 85 8.39 -9.27 23.91
C LEU A 85 8.56 -7.89 24.48
N GLU A 86 9.76 -7.59 24.95
CA GLU A 86 10.05 -6.30 25.56
C GLU A 86 10.65 -5.36 24.54
N ASP A 87 11.92 -5.50 24.26
CA ASP A 87 12.51 -4.61 23.27
C ASP A 87 12.20 -5.28 21.95
N MET A 88 10.95 -5.18 21.52
CA MET A 88 10.49 -5.79 20.28
C MET A 88 11.49 -5.94 19.12
N ALA A 89 12.50 -5.10 19.08
CA ALA A 89 13.51 -5.14 18.02
C ALA A 89 14.01 -6.56 17.75
N ASN A 90 13.83 -7.40 18.74
CA ASN A 90 14.28 -8.78 18.67
C ASN A 90 13.40 -9.70 17.83
N MET A 91 12.14 -9.33 17.65
CA MET A 91 11.23 -10.15 16.87
C MET A 91 11.79 -10.46 15.48
N THR A 92 11.58 -11.71 15.03
CA THR A 92 12.04 -12.12 13.70
C THR A 92 11.21 -11.33 12.73
N TYR A 93 9.98 -11.00 13.11
CA TYR A 93 9.13 -10.18 12.28
C TYR A 93 8.69 -8.89 13.00
N LEU A 94 9.03 -7.75 12.41
CA LEU A 94 8.70 -6.44 12.99
C LEU A 94 7.99 -5.56 11.97
N ASN A 95 6.96 -6.15 11.34
CA ASN A 95 6.18 -5.46 10.31
C ASN A 95 5.01 -4.66 10.83
N GLU A 96 4.27 -4.08 9.88
CA GLU A 96 3.12 -3.23 10.17
C GLU A 96 1.99 -3.94 10.87
N ALA A 97 2.17 -5.23 11.12
CA ALA A 97 1.10 -6.00 11.78
C ALA A 97 1.59 -6.72 13.01
N SER A 98 2.87 -7.08 13.00
CA SER A 98 3.50 -7.79 14.09
C SER A 98 3.55 -6.95 15.35
N VAL A 99 3.72 -5.64 15.15
CA VAL A 99 3.81 -4.71 16.24
C VAL A 99 2.55 -4.68 17.08
N LEU A 100 1.40 -4.71 16.41
CA LEU A 100 0.13 -4.70 17.13
C LEU A 100 -0.08 -5.92 18.05
N TYR A 101 0.02 -7.13 17.51
CA TYR A 101 -0.18 -8.35 18.31
C TYR A 101 0.54 -8.34 19.64
N ASN A 102 1.73 -7.76 19.64
CA ASN A 102 2.51 -7.67 20.85
C ASN A 102 1.96 -6.57 21.74
N LEU A 103 2.17 -5.31 21.35
CA LEU A 103 1.72 -4.19 22.18
C LEU A 103 0.28 -4.36 22.64
N ARG A 104 -0.59 -4.84 21.75
CA ARG A 104 -1.99 -5.01 22.08
C ARG A 104 -2.17 -6.01 23.23
N SER A 105 -1.52 -7.16 23.10
CA SER A 105 -1.63 -8.18 24.14
C SER A 105 -1.09 -7.61 25.43
N ARG A 106 -0.17 -6.65 25.32
CA ARG A 106 0.43 -6.04 26.48
C ARG A 106 -0.50 -5.04 27.17
N TYR A 107 -1.23 -4.27 26.37
CA TYR A 107 -2.14 -3.29 26.94
C TYR A 107 -3.24 -4.01 27.69
N THR A 108 -3.64 -5.18 27.20
CA THR A 108 -4.68 -5.93 27.86
C THR A 108 -4.11 -6.65 29.08
N SER A 109 -2.88 -6.32 29.41
CA SER A 109 -2.23 -6.91 30.57
C SER A 109 -1.77 -5.82 31.52
N GLY A 110 -1.97 -4.57 31.11
CA GLY A 110 -1.59 -3.43 31.93
C GLY A 110 -0.09 -3.32 31.97
N LEU A 111 0.54 -3.89 30.96
CA LEU A 111 1.98 -3.87 30.86
C LEU A 111 2.37 -2.43 30.70
N ILE A 112 1.94 -1.88 29.59
CA ILE A 112 2.18 -0.49 29.28
C ILE A 112 3.62 -0.05 29.06
N TYR A 113 4.47 -0.96 28.65
CA TYR A 113 5.85 -0.56 28.40
C TYR A 113 6.52 -1.60 27.51
N THR A 114 7.29 -1.10 26.55
CA THR A 114 8.01 -1.93 25.61
C THR A 114 9.03 -0.95 25.04
N TYR A 115 10.30 -1.27 25.01
CA TYR A 115 11.20 -0.26 24.49
C TYR A 115 11.15 -0.41 23.02
N SER A 116 10.91 -1.63 22.62
CA SER A 116 10.85 -2.00 21.24
C SER A 116 11.85 -1.24 20.37
N GLY A 117 13.08 -1.74 20.36
CA GLY A 117 14.10 -1.14 19.52
C GLY A 117 14.87 -0.04 20.17
N LEU A 118 14.67 1.18 19.67
CA LEU A 118 15.41 2.29 20.21
C LEU A 118 14.47 3.27 20.86
N PHE A 119 13.23 2.86 20.99
CA PHE A 119 12.23 3.70 21.60
C PHE A 119 11.78 3.29 22.96
N CYS A 120 10.61 3.78 23.33
CA CYS A 120 10.04 3.47 24.62
C CYS A 120 8.52 3.53 24.60
N ILE A 121 7.92 3.06 23.51
CA ILE A 121 6.47 3.06 23.38
C ILE A 121 5.70 2.83 24.70
N ALA A 122 4.64 3.62 24.90
CA ALA A 122 3.77 3.54 26.09
C ALA A 122 2.33 4.02 25.79
N VAL A 123 1.39 3.07 25.78
CA VAL A 123 -0.02 3.34 25.51
C VAL A 123 -0.75 3.85 26.73
N ASN A 124 -1.65 4.82 26.53
CA ASN A 124 -2.41 5.38 27.63
C ASN A 124 -3.31 4.29 28.25
N PRO A 125 -3.21 4.10 29.56
CA PRO A 125 -3.99 3.10 30.29
C PRO A 125 -5.33 3.62 30.77
N TYR A 126 -5.36 4.87 31.19
CA TYR A 126 -6.59 5.45 31.68
C TYR A 126 -7.03 4.73 32.97
N ARG A 127 -6.12 4.61 33.91
CA ARG A 127 -6.38 3.96 35.19
C ARG A 127 -5.15 3.98 36.09
N ARG A 128 -4.94 5.08 36.80
CA ARG A 128 -3.77 5.22 37.69
C ARG A 128 -3.26 3.86 38.17
N LEU A 129 -2.07 3.52 37.72
CA LEU A 129 -1.45 2.26 38.07
C LEU A 129 -0.63 2.34 39.35
N PRO A 130 -0.41 1.20 39.99
CA PRO A 130 0.38 1.16 41.22
C PRO A 130 1.85 0.94 40.91
N ILE A 131 2.16 0.80 39.63
CA ILE A 131 3.55 0.56 39.25
C ILE A 131 4.44 1.79 39.29
N TYR A 132 4.38 2.56 40.37
CA TYR A 132 5.18 3.76 40.50
C TYR A 132 5.65 3.95 41.94
N THR A 133 5.28 3.02 42.81
CA THR A 133 5.67 3.07 44.23
C THR A 133 7.17 3.16 44.36
N ASP A 134 7.62 3.53 45.56
CA ASP A 134 9.05 3.64 45.82
C ASP A 134 9.73 2.30 45.56
N SER A 135 9.08 1.21 45.95
CA SER A 135 9.64 -0.12 45.73
C SER A 135 10.08 -0.22 44.29
N VAL A 136 9.26 0.35 43.41
CA VAL A 136 9.58 0.31 41.99
C VAL A 136 10.75 1.22 41.74
N ILE A 137 10.57 2.49 42.07
CA ILE A 137 11.60 3.49 41.88
C ILE A 137 12.97 2.97 42.29
N ALA A 138 13.02 2.38 43.48
CA ALA A 138 14.24 1.80 44.03
C ALA A 138 14.67 0.57 43.26
N LYS A 139 13.70 -0.22 42.87
CA LYS A 139 13.99 -1.42 42.10
C LYS A 139 14.72 -1.04 40.81
N TYR A 140 14.56 0.20 40.36
CA TYR A 140 15.22 0.68 39.13
C TYR A 140 16.38 1.62 39.40
N ARG A 141 16.94 1.55 40.61
CA ARG A 141 18.05 2.39 40.97
C ARG A 141 19.33 1.81 40.38
N GLY A 142 20.00 2.61 39.56
CA GLY A 142 21.25 2.19 38.97
C GLY A 142 21.17 1.03 37.99
N LYS A 143 20.13 0.23 38.08
CA LYS A 143 19.98 -0.86 37.16
C LYS A 143 20.11 -0.37 35.74
N ARG A 144 20.73 -1.18 34.88
CA ARG A 144 20.82 -0.81 33.49
C ARG A 144 19.41 -1.13 32.88
N LYS A 145 19.31 -1.34 31.56
CA LYS A 145 17.99 -1.55 30.92
C LYS A 145 17.60 -2.91 30.39
N THR A 146 18.59 -3.81 30.28
CA THR A 146 18.36 -5.14 29.71
C THR A 146 18.09 -6.26 30.68
N GLU A 147 17.87 -5.92 31.95
CA GLU A 147 17.59 -6.93 32.95
C GLU A 147 16.25 -6.67 33.62
N ILE A 148 16.02 -5.41 33.99
CA ILE A 148 14.77 -5.03 34.64
C ILE A 148 13.64 -4.86 33.64
N PRO A 149 12.42 -5.36 33.97
CA PRO A 149 11.30 -5.21 33.04
C PRO A 149 11.25 -3.78 32.57
N PRO A 150 10.83 -3.58 31.32
CA PRO A 150 10.71 -2.27 30.67
C PRO A 150 9.74 -1.30 31.33
N HIS A 151 10.19 -0.06 31.50
CA HIS A 151 9.36 0.98 32.12
C HIS A 151 10.05 2.35 32.03
N LEU A 152 9.24 3.40 31.91
CA LEU A 152 9.73 4.78 31.84
C LEU A 152 10.91 4.97 32.78
N PHE A 153 10.67 4.71 34.06
CA PHE A 153 11.68 4.88 35.08
C PHE A 153 13.08 4.71 34.52
N SER A 154 13.45 3.44 34.31
CA SER A 154 14.76 3.07 33.81
C SER A 154 15.18 3.94 32.64
N VAL A 155 14.20 4.42 31.90
CA VAL A 155 14.48 5.26 30.75
C VAL A 155 15.19 6.52 31.23
N ALA A 156 15.09 6.79 32.52
CA ALA A 156 15.72 7.96 33.10
C ALA A 156 17.02 7.58 33.81
N ASP A 157 16.97 6.46 34.52
CA ASP A 157 18.13 5.97 35.25
C ASP A 157 19.25 5.76 34.25
N ASN A 158 18.88 5.44 33.01
CA ASN A 158 19.85 5.25 31.96
C ASN A 158 20.23 6.62 31.42
N ALA A 159 19.25 7.51 31.35
CA ALA A 159 19.47 8.87 30.87
C ALA A 159 20.17 9.67 31.94
N TYR A 160 20.58 8.94 32.98
CA TYR A 160 21.25 9.53 34.12
C TYR A 160 22.71 9.17 34.06
N GLN A 161 23.00 7.87 33.99
CA GLN A 161 24.37 7.43 33.93
C GLN A 161 24.93 7.65 32.54
N ASN A 162 24.04 7.73 31.55
CA ASN A 162 24.49 7.99 30.19
C ASN A 162 24.77 9.48 30.15
N MET A 163 24.70 10.09 31.33
CA MET A 163 24.94 11.52 31.52
C MET A 163 26.17 11.70 32.39
N VAL A 164 26.05 11.30 33.65
CA VAL A 164 27.10 11.40 34.64
C VAL A 164 28.37 10.78 34.10
N THR A 165 28.24 9.55 33.67
CA THR A 165 29.37 8.82 33.16
C THR A 165 29.85 9.30 31.81
N ASP A 166 28.98 9.99 31.08
CA ASP A 166 29.30 10.49 29.76
C ASP A 166 29.62 11.99 29.75
N ARG A 167 29.50 12.62 30.91
CA ARG A 167 29.79 14.05 30.99
C ARG A 167 29.13 14.85 29.87
N GLU A 168 27.90 14.48 29.50
CA GLU A 168 27.14 15.19 28.47
C GLU A 168 25.76 15.61 29.01
N ASN A 169 24.79 15.84 28.13
CA ASN A 169 23.45 16.23 28.56
C ASN A 169 22.40 15.35 27.93
N GLN A 170 21.29 15.17 28.64
CA GLN A 170 20.23 14.31 28.17
C GLN A 170 18.89 15.00 28.03
N SER A 171 18.26 14.80 26.87
CA SER A 171 16.95 15.37 26.61
C SER A 171 16.03 14.19 26.72
N CYS A 172 14.74 14.45 26.81
CA CYS A 172 13.81 13.36 26.97
C CYS A 172 12.47 13.70 26.35
N LEU A 173 12.40 13.78 25.03
CA LEU A 173 11.13 14.12 24.38
C LEU A 173 10.06 13.04 24.53
N ILE A 174 8.79 13.44 24.44
CA ILE A 174 7.64 12.54 24.53
C ILE A 174 6.65 12.86 23.42
N THR A 175 6.68 12.03 22.39
CA THR A 175 5.83 12.19 21.21
C THR A 175 4.53 11.47 21.43
N GLY A 176 3.69 11.55 20.41
CA GLY A 176 2.40 10.91 20.45
C GLY A 176 1.44 11.93 19.89
N GLU A 177 0.16 11.63 20.04
CA GLU A 177 -0.84 12.53 19.57
C GLU A 177 -1.21 13.37 20.78
N SER A 178 -2.47 13.75 20.80
CA SER A 178 -3.03 14.54 21.88
C SER A 178 -3.76 13.62 22.86
N GLY A 179 -3.45 13.76 24.15
CA GLY A 179 -4.07 12.93 25.16
C GLY A 179 -3.42 11.56 25.20
N ALA A 180 -2.34 11.42 24.45
CA ALA A 180 -1.64 10.15 24.35
C ALA A 180 -0.97 9.83 25.67
N GLY A 181 -0.89 10.84 26.53
CA GLY A 181 -0.29 10.67 27.83
C GLY A 181 1.20 10.97 27.86
N LYS A 182 1.53 12.23 27.66
CA LYS A 182 2.93 12.66 27.66
C LYS A 182 3.03 13.63 28.85
N THR A 183 2.16 14.63 28.86
CA THR A 183 2.19 15.60 29.95
C THR A 183 1.64 14.90 31.19
N GLU A 184 2.10 13.67 31.44
CA GLU A 184 1.70 12.89 32.60
C GLU A 184 2.89 12.02 32.92
N ASN A 185 3.51 11.51 31.86
CA ASN A 185 4.68 10.70 32.05
C ASN A 185 5.84 11.68 32.22
N THR A 186 5.71 12.91 31.72
CA THR A 186 6.79 13.88 31.88
C THR A 186 6.82 14.24 33.34
N LYS A 187 5.66 14.10 33.95
CA LYS A 187 5.53 14.39 35.36
C LYS A 187 6.22 13.30 36.18
N LYS A 188 5.94 12.04 35.82
CA LYS A 188 6.51 10.87 36.49
C LYS A 188 8.02 10.76 36.34
N VAL A 189 8.55 11.32 35.24
CA VAL A 189 9.99 11.31 34.97
C VAL A 189 10.64 12.35 35.86
N ILE A 190 9.86 13.36 36.19
CA ILE A 190 10.36 14.40 37.07
C ILE A 190 10.37 13.80 38.48
N MET A 191 9.23 13.24 38.88
CA MET A 191 9.06 12.61 40.18
C MET A 191 10.08 11.51 40.46
N TYR A 192 10.43 10.78 39.42
CA TYR A 192 11.42 9.71 39.54
C TYR A 192 12.76 10.34 39.86
N LEU A 193 13.18 11.32 39.08
CA LEU A 193 14.46 11.92 39.35
C LEU A 193 14.46 12.56 40.74
N ALA A 194 13.28 12.67 41.32
CA ALA A 194 13.16 13.27 42.63
C ALA A 194 13.37 12.18 43.66
N LYS A 195 12.47 11.21 43.67
CA LYS A 195 12.57 10.10 44.61
C LYS A 195 13.94 9.39 44.69
N VAL A 196 14.87 9.74 43.81
CA VAL A 196 16.20 9.12 43.82
C VAL A 196 17.30 10.06 44.32
N ALA A 197 17.92 10.79 43.40
CA ALA A 197 18.96 11.74 43.74
C ALA A 197 18.40 12.96 44.51
N CYS A 198 18.33 12.84 45.83
CA CYS A 198 17.82 13.93 46.68
C CYS A 198 19.00 14.84 47.08
N ALA A 199 18.69 16.09 47.45
CA ALA A 199 19.71 17.06 47.89
C ALA A 199 19.81 16.99 49.42
N VAL A 200 18.70 16.58 50.04
CA VAL A 200 18.62 16.32 51.48
C VAL A 200 17.47 15.36 51.69
N LYS A 210 6.13 25.11 57.91
CA LYS A 210 4.86 25.77 57.66
C LYS A 210 4.91 26.44 56.30
N LYS A 211 6.05 27.05 56.07
CA LYS A 211 6.36 27.83 54.90
C LYS A 211 6.51 27.20 53.52
N GLU A 212 7.70 26.70 53.24
CA GLU A 212 7.98 26.20 51.92
C GLU A 212 8.15 24.75 51.59
N GLY A 213 8.39 24.61 50.29
CA GLY A 213 8.61 23.34 49.70
C GLY A 213 9.96 22.85 50.11
N SER A 214 10.10 21.57 49.83
CA SER A 214 11.25 20.73 50.09
C SER A 214 12.15 20.67 48.85
N LEU A 215 12.10 21.71 48.02
CA LEU A 215 12.80 21.72 46.74
C LEU A 215 12.63 20.42 46.00
N GLU A 216 11.46 19.83 46.13
CA GLU A 216 11.13 18.62 45.37
C GLU A 216 9.72 19.06 45.24
N ASP A 217 9.08 19.04 46.40
CA ASP A 217 7.72 19.49 46.51
C ASP A 217 7.80 20.94 46.02
N GLN A 218 9.00 21.42 45.71
CA GLN A 218 9.11 22.76 45.16
C GLN A 218 8.90 22.60 43.67
N ILE A 219 9.38 21.50 43.10
CA ILE A 219 9.23 21.26 41.67
C ILE A 219 7.99 20.45 41.34
N ILE A 220 7.87 19.31 41.99
CA ILE A 220 6.73 18.43 41.80
C ILE A 220 5.46 19.23 42.10
N GLN A 221 5.50 20.07 43.13
CA GLN A 221 4.30 20.83 43.47
C GLN A 221 4.00 21.91 42.45
N ALA A 222 5.01 22.31 41.68
CA ALA A 222 4.84 23.33 40.66
C ALA A 222 4.10 22.79 39.45
N ASN A 223 3.14 21.93 39.69
CA ASN A 223 2.42 21.36 38.57
C ASN A 223 1.00 21.87 38.55
N PRO A 224 0.23 21.60 39.62
CA PRO A 224 -1.15 22.07 39.63
C PRO A 224 -1.29 23.54 39.32
N VAL A 225 -0.17 24.26 39.41
CA VAL A 225 -0.21 25.66 39.10
C VAL A 225 -0.36 25.84 37.61
N LEU A 226 0.73 25.72 36.85
CA LEU A 226 0.68 25.85 35.40
C LEU A 226 -0.38 24.96 34.74
N GLU A 227 -0.87 23.97 35.46
CA GLU A 227 -1.89 23.09 34.89
C GLU A 227 -3.25 23.75 35.03
N ALA A 228 -3.50 24.32 36.19
CA ALA A 228 -4.77 24.98 36.47
C ALA A 228 -4.78 26.40 35.90
N TYR A 229 -3.97 26.59 34.86
CA TYR A 229 -3.81 27.85 34.17
C TYR A 229 -3.54 27.57 32.69
N GLY A 230 -2.90 26.44 32.40
CA GLY A 230 -2.57 26.08 31.05
C GLY A 230 -3.32 24.85 30.55
N ASN A 231 -3.64 23.95 31.46
CA ASN A 231 -4.38 22.77 31.06
C ASN A 231 -5.86 22.95 31.25
N ALA A 232 -6.61 22.66 30.18
CA ALA A 232 -8.04 22.81 30.20
C ALA A 232 -8.71 21.59 29.56
N LYS A 233 -9.91 21.26 30.03
CA LYS A 233 -10.62 20.10 29.47
C LYS A 233 -11.17 20.37 28.09
N THR A 234 -10.54 19.76 27.08
CA THR A 234 -10.99 19.92 25.71
C THR A 234 -11.52 18.60 25.17
N THR A 235 -12.58 18.69 24.37
CA THR A 235 -13.26 17.54 23.79
C THR A 235 -12.47 16.24 23.80
N ARG A 236 -11.22 16.33 23.35
CA ARG A 236 -10.32 15.18 23.29
C ARG A 236 -10.26 14.46 24.61
N ASN A 237 -9.50 15.04 25.55
CA ASN A 237 -9.35 14.49 26.88
C ASN A 237 -10.03 15.40 27.92
N ASN A 238 -9.40 15.63 29.07
CA ASN A 238 -10.03 16.44 30.12
C ASN A 238 -8.99 17.34 30.77
N ASN A 239 -7.72 17.05 30.50
CA ASN A 239 -6.66 17.82 31.12
C ASN A 239 -5.59 18.16 30.08
N SER A 240 -6.08 18.53 28.91
CA SER A 240 -5.23 18.89 27.79
C SER A 240 -4.34 20.05 28.12
N SER A 241 -3.11 19.95 27.64
CA SER A 241 -2.14 20.99 27.86
C SER A 241 -2.23 22.03 26.73
N ARG A 242 -2.60 23.24 27.11
CA ARG A 242 -2.72 24.33 26.15
C ARG A 242 -1.50 25.23 26.20
N PHE A 243 -0.34 24.63 26.41
CA PHE A 243 0.89 25.39 26.48
C PHE A 243 2.11 24.49 26.46
N GLY A 244 3.18 24.94 25.81
CA GLY A 244 4.36 24.12 25.73
C GLY A 244 5.13 24.13 27.02
N LYS A 245 5.97 23.11 27.23
CA LYS A 245 6.78 23.05 28.45
C LYS A 245 8.10 22.33 28.21
N PHE A 246 9.14 22.80 28.88
CA PHE A 246 10.47 22.20 28.77
C PHE A 246 11.24 22.36 30.07
N ILE A 247 10.86 21.57 31.06
CA ILE A 247 11.53 21.64 32.36
C ILE A 247 12.93 21.06 32.29
N ARG A 248 13.88 21.77 32.89
CA ARG A 248 15.26 21.31 32.93
C ARG A 248 15.68 21.14 34.37
N ILE A 249 16.34 20.04 34.68
CA ILE A 249 16.80 19.80 36.03
C ILE A 249 18.33 19.78 35.99
N HIS A 250 18.97 20.63 36.78
CA HIS A 250 20.43 20.65 36.79
C HIS A 250 21.00 19.73 37.83
N PHE A 251 22.24 19.31 37.60
CA PHE A 251 22.95 18.42 38.51
C PHE A 251 24.31 18.95 38.97
N GLY A 252 24.55 18.92 40.28
CA GLY A 252 25.80 19.40 40.84
C GLY A 252 26.90 18.34 40.74
N PRO A 253 28.17 18.71 41.02
CA PRO A 253 29.27 17.74 40.95
C PRO A 253 28.93 16.46 41.67
N THR A 254 28.25 16.56 42.80
CA THR A 254 27.85 15.37 43.55
C THR A 254 26.77 14.56 42.83
N GLY A 255 26.62 14.81 41.53
CA GLY A 255 25.61 14.11 40.75
C GLY A 255 24.26 14.27 41.40
N LYS A 256 24.07 15.41 42.06
CA LYS A 256 22.83 15.70 42.76
C LYS A 256 22.10 16.88 42.09
N ILE A 257 20.78 16.84 42.09
CA ILE A 257 19.98 17.91 41.53
C ILE A 257 20.36 19.22 42.21
N ALA A 258 20.80 20.22 41.43
CA ALA A 258 21.20 21.51 41.99
C ALA A 258 20.37 22.66 41.45
N GLY A 259 19.69 22.42 40.32
CA GLY A 259 18.87 23.45 39.72
C GLY A 259 17.70 23.01 38.84
N ALA A 260 16.68 23.86 38.76
CA ALA A 260 15.49 23.60 37.93
C ALA A 260 15.19 24.90 37.17
N ASP A 261 14.40 24.79 36.10
CA ASP A 261 13.98 25.94 35.29
C ASP A 261 13.06 25.46 34.20
N ILE A 262 11.82 25.97 34.25
CA ILE A 262 10.79 25.60 33.30
C ILE A 262 10.82 26.48 32.06
N GLU A 263 10.20 26.00 30.98
CA GLU A 263 10.18 26.75 29.73
C GLU A 263 8.92 26.47 28.94
N THR A 264 7.98 27.42 28.99
CA THR A 264 6.72 27.29 28.29
C THR A 264 6.70 27.94 26.93
N TYR A 265 5.73 27.55 26.12
CA TYR A 265 5.62 28.09 24.79
C TYR A 265 4.26 28.67 24.43
N LEU A 266 3.86 28.47 23.19
CA LEU A 266 2.59 29.01 22.70
C LEU A 266 1.41 28.59 23.58
N LEU A 267 0.71 29.58 24.11
CA LEU A 267 -0.45 29.30 24.97
C LEU A 267 -1.75 29.56 24.19
N GLU A 268 -2.78 28.75 24.41
CA GLU A 268 -4.03 28.98 23.70
C GLU A 268 -4.74 30.18 24.30
N LYS A 269 -4.40 31.37 23.83
CA LYS A 269 -5.02 32.57 24.36
C LYS A 269 -6.46 32.77 23.92
N SER A 270 -6.82 32.25 22.74
CA SER A 270 -8.18 32.46 22.25
C SER A 270 -9.16 31.62 23.04
N ARG A 271 -8.64 30.71 23.86
CA ARG A 271 -9.45 29.86 24.67
C ARG A 271 -10.08 30.60 25.85
N VAL A 272 -9.41 31.65 26.31
CA VAL A 272 -9.84 32.49 27.44
C VAL A 272 -11.31 32.94 27.41
N THR A 273 -11.84 33.11 26.20
CA THR A 273 -13.20 33.57 26.02
C THR A 273 -14.08 32.72 25.11
N TYR A 274 -13.57 31.59 24.65
CA TYR A 274 -14.37 30.73 23.78
C TYR A 274 -14.10 29.25 23.94
N GLN A 275 -15.20 28.50 24.02
CA GLN A 275 -15.15 27.04 24.15
C GLN A 275 -16.18 26.41 23.22
N GLN A 276 -15.86 26.26 21.93
CA GLN A 276 -16.80 25.70 20.96
C GLN A 276 -17.89 24.83 21.56
N SER A 277 -17.50 23.83 22.33
CA SER A 277 -18.48 22.98 22.96
C SER A 277 -17.77 21.91 23.72
N ALA A 278 -18.45 21.34 24.71
CA ALA A 278 -17.89 20.31 25.55
C ALA A 278 -16.49 20.67 26.04
N GLU A 279 -16.22 21.95 26.21
CA GLU A 279 -14.91 22.37 26.69
C GLU A 279 -15.04 23.31 27.88
N ARG A 280 -13.96 23.43 28.65
CA ARG A 280 -13.95 24.27 29.83
C ARG A 280 -12.78 25.22 29.75
N ASN A 281 -13.00 26.48 30.07
CA ASN A 281 -11.90 27.44 30.00
C ASN A 281 -10.86 26.96 31.03
N TYR A 282 -9.67 27.55 30.99
CA TYR A 282 -8.59 27.15 31.89
C TYR A 282 -9.01 26.86 33.32
N HIS A 283 -8.81 25.62 33.73
CA HIS A 283 -9.11 25.12 35.07
C HIS A 283 -9.40 26.13 36.21
N ILE A 284 -8.41 26.93 36.61
CA ILE A 284 -8.59 27.90 37.71
C ILE A 284 -10.01 28.47 37.76
N PHE A 285 -10.44 29.11 36.66
CA PHE A 285 -11.79 29.72 36.61
C PHE A 285 -12.83 28.79 37.19
N TYR A 286 -12.78 27.52 36.82
CA TYR A 286 -13.78 26.61 37.32
C TYR A 286 -13.63 26.21 38.76
N GLN A 287 -12.50 26.53 39.36
CA GLN A 287 -12.33 26.15 40.74
C GLN A 287 -12.44 27.37 41.67
N ILE A 288 -12.08 28.54 41.17
CA ILE A 288 -12.17 29.78 41.94
C ILE A 288 -13.59 29.96 42.43
N CYS A 289 -14.53 29.47 41.64
CA CYS A 289 -15.93 29.63 41.97
C CYS A 289 -16.51 28.30 42.40
N SER A 290 -15.75 27.57 43.18
CA SER A 290 -16.22 26.29 43.68
C SER A 290 -16.48 26.41 45.15
N ASN A 291 -16.06 27.56 45.69
CA ASN A 291 -16.21 27.88 47.09
C ASN A 291 -15.32 26.98 47.93
N ALA A 292 -14.15 26.67 47.40
CA ALA A 292 -13.19 25.83 48.10
C ALA A 292 -12.60 26.64 49.25
N ILE A 293 -12.52 27.94 49.05
CA ILE A 293 -11.96 28.86 50.02
C ILE A 293 -12.97 29.93 50.39
N PRO A 294 -14.10 29.54 50.98
CA PRO A 294 -15.17 30.47 51.38
C PRO A 294 -14.62 31.83 51.84
N GLU A 295 -13.58 31.75 52.68
CA GLU A 295 -12.91 32.92 53.24
C GLU A 295 -12.05 33.60 52.19
N LEU A 296 -12.59 33.69 50.98
CA LEU A 296 -11.86 34.30 49.88
C LEU A 296 -12.80 34.85 48.81
N ASN A 297 -14.02 34.32 48.75
CA ASN A 297 -14.98 34.79 47.78
C ASN A 297 -15.04 36.33 47.78
N ASP A 298 -15.29 36.90 48.97
CA ASP A 298 -15.38 38.35 49.14
C ASP A 298 -13.99 38.97 49.02
N VAL A 299 -13.16 38.41 48.17
CA VAL A 299 -11.82 38.94 47.94
C VAL A 299 -11.62 38.94 46.44
N MET A 300 -12.59 38.32 45.76
CA MET A 300 -12.60 38.25 44.32
C MET A 300 -14.00 38.72 43.91
N LEU A 301 -14.78 39.10 44.94
CA LEU A 301 -16.16 39.57 44.74
C LEU A 301 -16.85 38.47 44.03
N VAL A 302 -16.28 37.30 44.21
CA VAL A 302 -16.82 36.19 43.52
C VAL A 302 -17.81 35.41 44.30
N THR A 303 -18.88 35.13 43.59
CA THR A 303 -19.89 34.29 44.14
C THR A 303 -19.82 33.25 43.06
N PRO A 304 -19.69 32.01 43.49
CA PRO A 304 -19.55 30.74 42.84
C PRO A 304 -20.66 30.14 42.03
N ASP A 305 -20.50 30.16 40.74
CA ASP A 305 -21.51 29.46 40.00
C ASP A 305 -20.69 28.96 38.88
N SER A 306 -20.03 29.92 38.25
CA SER A 306 -19.14 29.63 37.15
C SER A 306 -20.02 28.91 36.16
N GLY A 307 -21.24 29.44 36.15
CA GLY A 307 -22.31 28.99 35.28
C GLY A 307 -23.01 30.34 35.17
N LEU A 308 -22.39 31.30 35.84
CA LEU A 308 -22.91 32.63 35.90
C LEU A 308 -21.97 33.62 35.22
N TYR A 309 -20.77 33.20 34.84
CA TYR A 309 -19.88 34.13 34.16
C TYR A 309 -19.70 33.77 32.68
N SER A 310 -20.33 34.55 31.83
CA SER A 310 -20.25 34.34 30.38
C SER A 310 -18.89 33.88 29.86
N PHE A 311 -17.80 34.35 30.41
CA PHE A 311 -16.50 33.98 29.90
C PHE A 311 -15.98 32.55 30.05
N ILE A 312 -16.55 31.81 31.03
CA ILE A 312 -16.14 30.42 31.22
C ILE A 312 -17.32 29.48 31.25
N ASN A 313 -18.53 29.99 31.13
CA ASN A 313 -19.70 29.13 31.14
C ASN A 313 -20.23 28.82 29.73
N GLN A 314 -19.37 28.87 28.73
CA GLN A 314 -19.78 28.60 27.35
C GLN A 314 -19.87 27.10 27.13
N GLY A 315 -18.72 26.43 27.08
CA GLY A 315 -18.71 24.99 26.88
C GLY A 315 -19.29 24.24 28.06
N CYS A 316 -18.90 22.98 28.21
CA CYS A 316 -19.38 22.17 29.34
C CYS A 316 -18.80 22.87 30.57
N LEU A 317 -19.45 22.76 31.73
CA LEU A 317 -18.96 23.46 32.93
C LEU A 317 -18.49 22.56 34.07
N THR A 318 -18.28 21.29 33.77
CA THR A 318 -17.85 20.35 34.77
C THR A 318 -17.39 19.02 34.19
N VAL A 319 -16.07 18.84 34.05
CA VAL A 319 -15.56 17.57 33.53
C VAL A 319 -15.72 16.51 34.66
N ASP A 320 -15.96 15.26 34.26
CA ASP A 320 -16.29 14.11 35.14
C ASP A 320 -15.48 13.48 36.25
N ASN A 321 -14.20 13.78 36.32
CA ASN A 321 -13.32 13.09 37.23
C ASN A 321 -12.44 14.15 37.88
N ILE A 322 -12.75 15.42 37.61
CA ILE A 322 -11.99 16.50 38.24
C ILE A 322 -12.80 17.26 39.29
N ASP A 323 -12.39 17.06 40.55
CA ASP A 323 -12.99 17.71 41.72
C ASP A 323 -12.26 19.04 41.90
N ASP A 324 -12.82 20.09 41.29
CA ASP A 324 -12.23 21.41 41.34
C ASP A 324 -11.84 21.79 42.74
N VAL A 325 -12.72 21.47 43.66
CA VAL A 325 -12.48 21.74 45.07
C VAL A 325 -11.06 21.40 45.45
N GLU A 326 -10.79 20.11 45.64
CA GLU A 326 -9.48 19.65 46.05
C GLU A 326 -8.44 20.15 45.07
N GLU A 327 -8.86 20.27 43.81
CA GLU A 327 -7.98 20.74 42.76
C GLU A 327 -7.57 22.17 43.08
N PHE A 328 -8.40 22.91 43.79
CA PHE A 328 -8.08 24.28 44.14
C PHE A 328 -7.33 24.29 45.47
N LYS A 329 -7.92 23.63 46.46
CA LYS A 329 -7.29 23.55 47.78
C LYS A 329 -5.83 23.21 47.56
N LEU A 330 -5.61 22.16 46.78
CA LEU A 330 -4.26 21.71 46.48
C LEU A 330 -3.52 22.81 45.73
N CYS A 331 -4.21 23.45 44.79
CA CYS A 331 -3.60 24.52 44.03
C CYS A 331 -3.19 25.66 44.95
N ASP A 332 -3.92 25.81 46.05
CA ASP A 332 -3.66 26.82 47.06
C ASP A 332 -2.32 26.51 47.72
N GLU A 333 -2.27 25.37 48.40
CA GLU A 333 -1.09 24.87 49.11
C GLU A 333 0.14 24.92 48.21
N ALA A 334 -0.06 24.55 46.95
CA ALA A 334 1.02 24.58 45.97
C ALA A 334 1.81 25.88 46.05
N PHE A 335 1.13 27.01 45.92
CA PHE A 335 1.78 28.33 45.95
C PHE A 335 2.63 28.55 47.19
N ASP A 336 2.04 28.24 48.34
CA ASP A 336 2.73 28.41 49.60
C ASP A 336 4.10 27.77 49.52
N ILE A 337 4.11 26.44 49.53
CA ILE A 337 5.36 25.70 49.45
C ILE A 337 6.22 26.08 48.26
N LEU A 338 5.57 26.40 47.15
CA LEU A 338 6.28 26.78 45.95
C LEU A 338 7.14 28.03 46.20
N GLY A 339 6.86 28.74 47.28
CA GLY A 339 7.64 29.93 47.58
C GLY A 339 6.90 31.22 47.34
N PHE A 340 5.62 31.23 47.67
CA PHE A 340 4.80 32.43 47.50
C PHE A 340 4.46 33.05 48.84
N THR A 341 3.71 34.13 48.79
CA THR A 341 3.30 34.82 50.00
C THR A 341 1.80 35.12 50.00
N LYS A 342 1.27 35.51 51.16
CA LYS A 342 -0.16 35.86 51.24
C LYS A 342 -0.48 36.75 50.05
N GLU A 343 0.28 37.82 49.91
CA GLU A 343 0.08 38.78 48.84
C GLU A 343 0.13 38.09 47.46
N GLU A 344 1.35 37.76 47.04
CA GLU A 344 1.59 37.07 45.77
C GLU A 344 0.48 36.08 45.44
N LYS A 345 0.30 35.11 46.33
CA LYS A 345 -0.71 34.08 46.15
C LYS A 345 -2.07 34.72 45.92
N GLN A 346 -2.47 35.57 46.85
CA GLN A 346 -3.77 36.23 46.73
C GLN A 346 -3.75 37.12 45.51
N SER A 347 -2.87 38.10 45.47
CA SER A 347 -2.81 39.01 44.33
C SER A 347 -3.12 38.24 43.04
N MET A 348 -2.49 37.09 42.90
CA MET A 348 -2.68 36.26 41.72
C MET A 348 -4.15 36.03 41.42
N PHE A 349 -4.81 35.27 42.29
CA PHE A 349 -6.21 34.94 42.12
C PHE A 349 -7.04 36.16 41.83
N LYS A 350 -6.66 37.26 42.45
CA LYS A 350 -7.39 38.49 42.22
C LYS A 350 -7.39 38.82 40.73
N CYS A 351 -6.20 39.01 40.15
CA CYS A 351 -6.12 39.32 38.72
C CYS A 351 -6.74 38.22 37.88
N THR A 352 -6.92 37.07 38.54
CA THR A 352 -7.50 35.90 37.88
C THR A 352 -9.00 36.07 37.83
N ALA A 353 -9.61 36.34 38.97
CA ALA A 353 -11.05 36.49 39.06
C ALA A 353 -11.52 37.69 38.24
N SER A 354 -10.64 38.69 38.18
CA SER A 354 -10.85 39.91 37.44
C SER A 354 -11.45 39.60 36.08
N ILE A 355 -10.71 38.87 35.26
CA ILE A 355 -11.18 38.47 33.94
C ILE A 355 -12.65 38.00 34.00
N LEU A 356 -12.96 37.16 34.98
CA LEU A 356 -14.30 36.61 35.17
C LEU A 356 -15.42 37.66 35.05
N HIS A 357 -15.27 38.76 35.80
CA HIS A 357 -16.20 39.90 35.80
C HIS A 357 -15.95 40.77 34.58
N MET A 358 -14.67 40.86 34.22
CA MET A 358 -14.27 41.66 33.09
C MET A 358 -15.19 41.35 31.91
N GLY A 359 -15.79 40.17 31.95
CA GLY A 359 -16.68 39.75 30.89
C GLY A 359 -18.12 39.81 31.34
N GLU A 360 -18.45 40.91 32.01
CA GLU A 360 -19.79 41.12 32.51
C GLU A 360 -20.06 42.62 32.56
N MET A 361 -19.50 43.32 31.59
CA MET A 361 -19.67 44.76 31.51
C MET A 361 -20.58 45.15 30.35
N LYS A 362 -21.82 44.68 30.42
CA LYS A 362 -22.79 44.94 29.37
C LYS A 362 -22.67 46.33 28.74
N PHE A 363 -23.06 46.43 27.48
CA PHE A 363 -23.01 47.69 26.74
C PHE A 363 -24.26 47.93 25.91
N LYS A 364 -24.50 49.19 25.57
CA LYS A 364 -25.69 49.54 24.81
C LYS A 364 -25.45 50.13 23.42
N GLN A 365 -26.10 49.56 22.39
CA GLN A 365 -26.03 50.06 21.01
C GLN A 365 -26.72 51.37 21.32
N ARG A 366 -25.93 52.34 21.76
CA ARG A 366 -26.43 53.62 22.23
C ARG A 366 -27.14 54.62 21.34
N PRO A 367 -26.38 55.53 20.73
CA PRO A 367 -27.00 56.52 19.87
C PRO A 367 -28.00 55.70 19.09
N ARG A 368 -29.20 56.21 18.86
CA ARG A 368 -30.13 55.44 18.06
C ARG A 368 -29.49 55.67 16.71
N GLU A 369 -28.37 56.39 16.82
CA GLU A 369 -27.44 56.71 15.76
C GLU A 369 -26.51 55.50 16.05
N GLU A 370 -25.20 55.59 15.86
CA GLU A 370 -24.36 54.42 16.15
C GLU A 370 -23.15 54.80 17.01
N GLN A 371 -23.33 54.87 18.33
CA GLN A 371 -22.22 55.28 19.19
C GLN A 371 -21.91 54.56 20.51
N ALA A 372 -21.05 55.21 21.29
CA ALA A 372 -20.50 54.76 22.57
C ALA A 372 -21.32 54.62 23.86
N GLU A 373 -21.73 53.44 24.30
CA GLU A 373 -22.48 53.47 25.55
C GLU A 373 -22.40 52.44 26.68
N SER A 374 -22.16 52.96 27.89
CA SER A 374 -22.09 52.19 29.14
C SER A 374 -23.42 51.46 29.41
N ASP A 375 -23.43 50.20 29.85
CA ASP A 375 -24.79 49.72 30.10
C ASP A 375 -25.14 49.81 31.55
N GLY A 376 -24.28 49.29 32.39
CA GLY A 376 -24.54 49.34 33.79
C GLY A 376 -23.21 49.82 34.26
N THR A 377 -22.99 49.78 35.55
CA THR A 377 -21.71 50.21 36.04
C THR A 377 -21.33 49.34 37.21
N ALA A 378 -22.34 48.86 37.91
CA ALA A 378 -22.17 48.01 39.08
C ALA A 378 -21.11 46.92 38.85
N GLU A 379 -21.20 46.22 37.74
CA GLU A 379 -20.24 45.17 37.43
C GLU A 379 -18.86 45.77 37.19
N ALA A 380 -18.66 46.31 35.99
CA ALA A 380 -17.38 46.91 35.60
C ALA A 380 -16.67 47.55 36.77
N GLU A 381 -17.42 48.31 37.57
CA GLU A 381 -16.85 48.99 38.72
C GLU A 381 -16.07 48.03 39.62
N LYS A 382 -16.62 46.81 39.75
CA LYS A 382 -16.03 45.76 40.58
C LYS A 382 -14.67 45.35 40.04
N VAL A 383 -14.56 45.34 38.72
CA VAL A 383 -13.33 44.98 38.06
C VAL A 383 -12.24 46.02 38.37
N ALA A 384 -12.63 47.28 38.49
CA ALA A 384 -11.69 48.35 38.75
C ALA A 384 -11.04 48.24 40.13
N PHE A 385 -11.71 47.53 41.03
CA PHE A 385 -11.23 47.34 42.41
C PHE A 385 -10.19 46.25 42.49
N LEU A 386 -10.54 45.10 41.89
CA LEU A 386 -9.66 43.94 41.86
C LEU A 386 -8.35 44.41 41.27
N CYS A 387 -8.37 44.68 39.98
CA CYS A 387 -7.16 45.14 39.30
C CYS A 387 -6.48 46.37 39.91
N GLY A 388 -7.24 47.22 40.61
CA GLY A 388 -6.66 48.40 41.24
C GLY A 388 -7.27 49.71 40.75
N ILE A 389 -6.73 50.22 39.64
CA ILE A 389 -7.18 51.46 39.03
C ILE A 389 -8.67 51.78 39.16
N ASN A 390 -9.01 53.07 39.08
CA ASN A 390 -10.38 53.54 39.22
C ASN A 390 -11.32 53.24 38.07
N ALA A 391 -12.52 52.81 38.40
CA ALA A 391 -13.52 52.47 37.42
C ALA A 391 -13.74 53.66 36.46
N GLY A 392 -13.56 54.86 37.00
CA GLY A 392 -13.74 56.04 36.19
C GLY A 392 -12.79 56.03 35.02
N ASP A 393 -11.56 56.41 35.30
CA ASP A 393 -10.53 56.44 34.28
C ASP A 393 -10.69 55.24 33.35
N LEU A 394 -11.01 54.07 33.93
CA LEU A 394 -11.20 52.82 33.17
C LEU A 394 -12.40 52.82 32.22
N LEU A 395 -13.62 52.69 32.74
CA LEU A 395 -14.79 52.65 31.85
C LEU A 395 -14.75 53.82 30.90
N LYS A 396 -14.16 54.91 31.37
CA LYS A 396 -14.04 56.13 30.57
C LYS A 396 -13.10 55.91 29.39
N ALA A 397 -11.80 55.86 29.66
CA ALA A 397 -10.79 55.67 28.64
C ALA A 397 -10.97 54.33 27.89
N LEU A 398 -11.92 53.54 28.37
CA LEU A 398 -12.22 52.23 27.79
C LEU A 398 -13.15 52.44 26.59
N LEU A 399 -13.98 53.48 26.70
CA LEU A 399 -14.95 53.84 25.69
C LEU A 399 -14.49 55.01 24.80
N LYS A 400 -13.62 55.83 25.35
CA LYS A 400 -13.11 57.00 24.64
C LYS A 400 -11.59 56.94 24.74
N PRO A 401 -10.98 55.99 24.01
CA PRO A 401 -9.53 55.79 23.99
C PRO A 401 -8.72 57.01 23.58
N LYS A 402 -7.59 57.22 24.27
CA LYS A 402 -6.71 58.32 23.99
C LYS A 402 -5.27 57.83 23.66
N VAL A 403 -4.97 57.70 22.37
CA VAL A 403 -3.67 57.23 21.86
C VAL A 403 -3.25 57.95 20.56
N LYS A 404 -2.71 59.15 20.69
CA LYS A 404 -2.31 60.00 19.56
C LYS A 404 -1.24 59.55 18.57
N VAL A 405 -0.85 60.54 17.77
CA VAL A 405 0.18 60.45 16.75
C VAL A 405 1.00 61.71 17.04
N GLY A 406 2.07 61.50 17.80
CA GLY A 406 3.00 62.53 18.26
C GLY A 406 2.86 63.94 17.67
N VAL A 410 -4.44 62.25 19.60
CA VAL A 410 -5.80 62.78 19.69
C VAL A 410 -6.74 61.78 20.35
N THR A 411 -7.98 62.18 20.47
CA THR A 411 -8.99 61.34 21.10
C THR A 411 -9.72 60.57 20.04
N LYS A 412 -10.13 59.34 20.37
CA LYS A 412 -10.83 58.50 19.45
C LYS A 412 -12.17 58.09 19.98
N GLY A 413 -12.93 57.35 19.18
CA GLY A 413 -14.22 56.90 19.61
C GLY A 413 -14.51 55.45 19.27
N GLN A 414 -14.90 54.65 20.26
CA GLN A 414 -15.18 53.23 20.06
C GLN A 414 -16.69 52.94 19.94
N ASN A 415 -17.05 52.01 19.06
CA ASN A 415 -18.45 51.65 18.87
C ASN A 415 -18.82 50.46 19.74
N MET A 416 -20.00 49.89 19.49
CA MET A 416 -20.43 48.73 20.25
C MET A 416 -19.35 47.66 20.19
N ASN A 417 -18.99 47.26 18.98
CA ASN A 417 -17.94 46.25 18.82
C ASN A 417 -16.62 46.74 19.40
N GLN A 418 -16.16 47.90 18.94
CA GLN A 418 -14.89 48.46 19.40
C GLN A 418 -14.76 48.48 20.92
N VAL A 419 -15.69 47.88 21.61
CA VAL A 419 -15.65 47.86 23.06
C VAL A 419 -15.93 46.46 23.54
N VAL A 420 -17.01 45.87 23.02
CA VAL A 420 -17.38 44.52 23.40
C VAL A 420 -16.29 43.59 22.89
N ASN A 421 -15.60 44.05 21.84
CA ASN A 421 -14.52 43.34 21.20
C ASN A 421 -13.20 43.87 21.75
N SER A 422 -13.31 44.86 22.64
CA SER A 422 -12.15 45.49 23.24
C SER A 422 -11.73 44.75 24.50
N VAL A 423 -12.70 44.35 25.30
CA VAL A 423 -12.44 43.61 26.53
C VAL A 423 -11.84 42.27 26.11
N GLY A 424 -12.40 41.71 25.04
CA GLY A 424 -11.95 40.43 24.54
C GLY A 424 -10.56 40.58 23.98
N ALA A 425 -9.81 41.47 24.60
CA ALA A 425 -8.46 41.73 24.16
C ALA A 425 -7.69 42.01 25.43
N LEU A 426 -8.29 42.85 26.25
CA LEU A 426 -7.70 43.22 27.53
C LEU A 426 -7.53 41.93 28.30
N ALA A 427 -8.66 41.43 28.83
CA ALA A 427 -8.68 40.22 29.61
C ALA A 427 -7.76 39.16 28.97
N LYS A 428 -7.89 38.95 27.66
CA LYS A 428 -7.03 37.97 26.99
C LYS A 428 -5.58 38.39 27.28
N SER A 429 -5.15 39.47 26.66
CA SER A 429 -3.79 39.93 26.87
C SER A 429 -3.36 39.85 28.33
N LEU A 430 -4.28 39.89 29.27
CA LEU A 430 -3.87 39.84 30.67
C LEU A 430 -3.35 38.46 31.06
N TYR A 431 -4.23 37.45 30.93
CA TYR A 431 -3.94 36.07 31.29
C TYR A 431 -2.56 35.69 30.77
N ASP A 432 -2.32 36.04 29.52
CA ASP A 432 -1.04 35.76 28.90
C ASP A 432 0.05 36.43 29.69
N ARG A 433 -0.08 37.73 29.95
CA ARG A 433 0.91 38.46 30.71
C ARG A 433 1.05 37.84 32.10
N MET A 434 -0.09 37.43 32.64
CA MET A 434 -0.17 36.81 33.94
C MET A 434 0.61 35.52 33.86
N PHE A 435 0.22 34.66 32.96
CA PHE A 435 0.93 33.41 32.81
C PHE A 435 2.42 33.71 32.71
N ASN A 436 2.79 34.70 31.89
CA ASN A 436 4.20 35.06 31.72
C ASN A 436 4.89 35.29 33.05
N TRP A 437 4.27 36.13 33.87
CA TRP A 437 4.85 36.42 35.16
C TRP A 437 4.76 35.18 36.03
N LEU A 438 3.72 34.39 35.81
CA LEU A 438 3.53 33.20 36.61
C LEU A 438 4.73 32.30 36.49
N VAL A 439 5.02 31.84 35.27
CA VAL A 439 6.16 30.97 35.07
C VAL A 439 7.41 31.72 35.55
N ARG A 440 7.50 32.98 35.20
CA ARG A 440 8.63 33.80 35.60
C ARG A 440 8.86 33.63 37.09
N ARG A 441 7.81 33.88 37.87
CA ARG A 441 7.88 33.76 39.33
C ARG A 441 8.40 32.40 39.72
N VAL A 442 7.83 31.37 39.14
CA VAL A 442 8.22 30.01 39.47
C VAL A 442 9.68 29.71 39.16
N ASN A 443 10.11 29.99 37.95
CA ASN A 443 11.49 29.73 37.58
C ASN A 443 12.46 30.50 38.45
N LYS A 444 11.92 31.35 39.29
CA LYS A 444 12.76 32.16 40.16
C LYS A 444 12.92 31.47 41.50
N THR A 445 11.83 30.89 41.98
CA THR A 445 11.86 30.22 43.27
C THR A 445 12.59 28.92 43.21
N LEU A 446 12.96 28.49 42.01
CA LEU A 446 13.67 27.24 41.89
C LEU A 446 14.90 27.34 41.03
N ASP A 447 15.43 28.54 40.90
CA ASP A 447 16.67 28.70 40.19
C ASP A 447 17.53 28.83 41.41
N THR A 448 18.35 27.85 41.74
CA THR A 448 19.20 28.11 42.87
C THR A 448 20.53 28.30 42.21
N LYS A 449 21.10 29.48 42.38
CA LYS A 449 22.39 29.75 41.78
C LYS A 449 23.42 28.83 42.42
N ALA A 450 23.26 27.52 42.16
CA ALA A 450 24.15 26.48 42.67
C ALA A 450 25.27 26.19 41.66
N LYS A 451 25.84 25.00 41.74
CA LYS A 451 26.92 24.63 40.85
C LYS A 451 26.40 23.65 39.80
N ARG A 452 26.18 24.14 38.58
CA ARG A 452 25.67 23.32 37.49
C ARG A 452 26.80 22.77 36.66
N ASN A 453 26.63 21.54 36.19
CA ASN A 453 27.66 20.90 35.40
C ASN A 453 27.05 20.26 34.16
N TYR A 454 25.85 19.75 34.30
CA TYR A 454 25.15 19.11 33.21
C TYR A 454 23.72 18.96 33.67
N TYR A 455 22.79 19.32 32.79
CA TYR A 455 21.39 19.30 33.11
C TYR A 455 20.63 18.24 32.33
N ILE A 456 19.65 17.62 32.97
CA ILE A 456 18.85 16.63 32.28
C ILE A 456 17.65 17.46 31.80
N GLY A 457 16.77 16.92 30.98
CA GLY A 457 15.65 17.73 30.55
C GLY A 457 14.53 17.08 29.75
N VAL A 458 13.28 17.33 30.14
CA VAL A 458 12.15 16.75 29.43
C VAL A 458 11.35 17.83 28.72
N LEU A 459 10.84 17.48 27.55
CA LEU A 459 10.07 18.41 26.72
C LEU A 459 8.74 17.77 26.39
N ASP A 460 7.66 18.46 26.69
CA ASP A 460 6.34 17.93 26.41
C ASP A 460 5.46 18.95 25.69
N ILE A 461 5.18 18.70 24.42
CA ILE A 461 4.35 19.60 23.62
C ILE A 461 3.67 18.84 22.48
N ALA A 462 2.33 18.84 22.46
CA ALA A 462 1.61 18.12 21.43
C ALA A 462 2.19 18.48 20.09
N GLY A 463 2.37 17.47 19.26
CA GLY A 463 2.98 17.68 17.97
C GLY A 463 2.04 18.23 16.92
N PHE A 464 2.32 17.90 15.67
CA PHE A 464 1.51 18.35 14.55
C PHE A 464 0.02 18.13 14.77
N GLU A 465 -0.79 18.99 14.17
CA GLU A 465 -2.24 18.93 14.27
C GLU A 465 -2.78 19.56 13.00
N ILE A 466 -3.76 18.91 12.36
CA ILE A 466 -4.32 19.45 11.12
C ILE A 466 -5.83 19.63 11.18
N PHE A 467 -6.28 20.67 11.87
CA PHE A 467 -7.70 20.92 11.99
C PHE A 467 -8.30 21.21 10.62
N ASP A 468 -9.64 21.25 10.55
CA ASP A 468 -10.33 21.54 9.29
C ASP A 468 -9.97 22.95 8.85
N PHE A 469 -10.11 23.91 9.75
CA PHE A 469 -9.76 25.31 9.46
C PHE A 469 -8.46 25.66 10.16
N ASN A 470 -7.38 25.83 9.38
CA ASN A 470 -6.08 26.18 9.93
C ASN A 470 -5.79 27.66 9.93
N SER A 471 -5.40 28.16 11.10
CA SER A 471 -5.12 29.57 11.27
C SER A 471 -3.68 29.79 11.77
N PHE A 472 -3.34 31.04 12.05
CA PHE A 472 -2.00 31.34 12.53
C PHE A 472 -1.54 30.43 13.65
N GLU A 473 -2.39 30.28 14.67
CA GLU A 473 -2.02 29.45 15.81
C GLU A 473 -1.54 28.09 15.35
N GLN A 474 -2.26 27.51 14.37
CA GLN A 474 -1.87 26.23 13.81
C GLN A 474 -0.48 26.35 13.17
N LEU A 475 -0.28 27.34 12.33
CA LEU A 475 1.02 27.52 11.70
C LEU A 475 2.11 27.37 12.76
N CYS A 476 1.91 28.02 13.91
CA CYS A 476 2.87 27.94 14.99
C CYS A 476 3.08 26.51 15.47
N ILE A 477 2.10 26.01 16.22
CA ILE A 477 2.14 24.65 16.76
C ILE A 477 2.75 23.66 15.77
N ASN A 478 2.36 23.73 14.50
CA ASN A 478 2.91 22.83 13.50
C ASN A 478 4.38 23.13 13.24
N TYR A 479 4.69 24.41 13.05
CA TYR A 479 6.04 24.87 12.76
C TYR A 479 6.98 24.51 13.89
N THR A 480 6.55 24.86 15.10
CA THR A 480 7.29 24.57 16.30
C THR A 480 7.51 23.07 16.38
N ASN A 481 6.59 22.30 15.82
CA ASN A 481 6.71 20.86 15.87
C ASN A 481 7.56 20.31 14.72
N GLU A 482 7.61 21.04 13.61
CA GLU A 482 8.38 20.61 12.44
C GLU A 482 9.89 20.90 12.58
N ARG A 483 10.24 21.63 13.63
CA ARG A 483 11.62 21.97 13.95
C ARG A 483 12.21 20.84 14.82
N LEU A 484 11.33 20.19 15.58
CA LEU A 484 11.72 19.08 16.43
C LEU A 484 11.92 17.92 15.51
N GLN A 485 11.22 17.92 14.39
CA GLN A 485 11.39 16.81 13.49
C GLN A 485 12.83 16.73 13.00
N GLN A 486 13.32 17.83 12.42
CA GLN A 486 14.68 17.93 11.90
C GLN A 486 15.65 17.48 12.97
N PHE A 487 15.18 17.48 14.21
CA PHE A 487 16.02 17.05 15.31
C PHE A 487 16.03 15.54 15.30
N PHE A 488 14.89 14.95 15.63
CA PHE A 488 14.83 13.51 15.67
C PHE A 488 15.30 12.92 14.36
N ASN A 489 14.76 13.42 13.26
CA ASN A 489 15.15 12.93 11.96
C ASN A 489 16.66 13.02 11.76
N HIS A 490 17.31 13.97 12.43
CA HIS A 490 18.75 14.11 12.31
C HIS A 490 19.43 13.15 13.25
N HIS A 491 19.03 13.16 14.52
CA HIS A 491 19.61 12.26 15.49
C HIS A 491 19.28 10.79 15.17
N MET A 492 18.56 10.58 14.07
CA MET A 492 18.18 9.25 13.60
C MET A 492 19.02 8.82 12.41
N PHE A 493 19.57 9.80 11.70
CA PHE A 493 20.42 9.51 10.57
C PHE A 493 21.71 8.94 11.14
N ILE A 494 22.18 9.53 12.24
CA ILE A 494 23.40 9.05 12.87
C ILE A 494 23.32 7.58 13.21
N LEU A 495 22.17 7.15 13.70
CA LEU A 495 21.96 5.76 14.06
C LEU A 495 22.15 4.78 12.90
N GLU A 496 22.35 5.31 11.70
CA GLU A 496 22.52 4.47 10.51
C GLU A 496 23.94 4.53 10.09
N GLN A 497 24.39 5.76 10.05
CA GLN A 497 25.76 6.03 9.70
C GLN A 497 26.56 5.31 10.79
N GLU A 498 25.93 4.29 11.38
CA GLU A 498 26.49 3.46 12.44
C GLU A 498 26.20 2.00 12.17
N GLU A 499 25.29 1.76 11.25
CA GLU A 499 24.98 0.40 10.90
C GLU A 499 25.28 0.40 9.41
N TYR A 500 26.07 1.41 9.03
CA TYR A 500 26.58 1.65 7.69
C TYR A 500 28.00 1.21 7.77
N LYS A 501 28.45 1.24 9.01
CA LYS A 501 29.78 0.87 9.35
C LYS A 501 29.77 -0.60 9.76
N LYS A 502 28.82 -1.00 10.60
CA LYS A 502 28.75 -2.40 11.03
C LYS A 502 28.71 -3.27 9.77
N GLU A 503 28.08 -2.72 8.73
CA GLU A 503 27.97 -3.42 7.47
C GLU A 503 28.91 -2.70 6.53
N GLY A 504 29.71 -1.82 7.12
CA GLY A 504 30.69 -1.06 6.39
C GLY A 504 30.46 -0.83 4.91
N ILE A 505 29.80 0.28 4.59
CA ILE A 505 29.55 0.61 3.20
C ILE A 505 29.70 2.10 2.92
N ALA A 506 29.46 2.92 3.96
CA ALA A 506 29.57 4.37 3.90
C ALA A 506 28.91 5.08 2.72
N TRP A 507 27.60 5.10 2.68
CA TRP A 507 26.87 5.72 1.58
C TRP A 507 27.05 7.25 1.51
N GLU A 508 28.28 7.72 1.33
CA GLU A 508 28.50 9.17 1.25
C GLU A 508 28.03 9.62 -0.12
N PHE A 509 26.86 9.16 -0.50
CA PHE A 509 26.32 9.52 -1.78
C PHE A 509 24.79 9.70 -1.62
N ILE A 510 24.49 10.54 -0.61
CA ILE A 510 23.15 10.95 -0.14
C ILE A 510 23.06 12.41 0.39
N ASP A 511 22.24 13.23 -0.25
CA ASP A 511 22.06 14.65 0.12
C ASP A 511 20.63 14.90 0.66
N PHE A 512 20.08 13.90 1.33
CA PHE A 512 18.73 13.97 1.90
C PHE A 512 18.67 14.74 3.22
N GLY A 513 17.46 15.14 3.62
CA GLY A 513 17.28 15.87 4.86
C GLY A 513 17.06 17.35 4.62
N MET A 514 17.41 17.82 3.44
CA MET A 514 17.27 19.21 3.10
C MET A 514 15.86 19.49 2.60
N ASP A 515 15.26 18.48 1.98
CA ASP A 515 13.91 18.64 1.46
C ASP A 515 13.05 19.07 2.63
N LEU A 516 13.42 18.68 3.83
CA LEU A 516 12.65 19.03 5.01
C LEU A 516 12.93 20.48 5.35
N GLN A 517 14.05 20.99 4.87
CA GLN A 517 14.40 22.37 5.15
C GLN A 517 13.71 23.27 4.14
N MET A 518 12.69 22.76 3.47
CA MET A 518 11.97 23.58 2.51
C MET A 518 10.87 24.35 3.17
N CYS A 519 10.49 23.91 4.36
CA CYS A 519 9.41 24.56 5.08
C CYS A 519 9.98 25.30 6.27
N ILE A 520 10.96 24.69 6.89
CA ILE A 520 11.57 25.29 8.07
C ILE A 520 12.23 26.59 7.67
N ASP A 521 13.10 26.48 6.68
CA ASP A 521 13.84 27.61 6.18
C ASP A 521 12.86 28.70 5.75
N LEU A 522 12.03 28.34 4.79
CA LEU A 522 11.02 29.27 4.28
C LEU A 522 10.20 29.82 5.43
N ILE A 523 9.56 28.94 6.20
CA ILE A 523 8.74 29.42 7.30
C ILE A 523 9.44 30.38 8.26
N GLU A 524 10.77 30.37 8.40
CA GLU A 524 11.35 31.34 9.35
C GLU A 524 12.45 32.29 8.87
N LYS A 525 13.04 32.00 7.72
CA LYS A 525 14.10 32.83 7.16
C LYS A 525 13.75 34.34 7.23
N PRO A 526 14.77 35.19 7.18
CA PRO A 526 14.64 36.64 7.23
C PRO A 526 13.70 37.19 6.17
N MET A 527 13.31 36.36 5.22
CA MET A 527 12.36 36.78 4.19
C MET A 527 11.10 35.95 4.24
N GLY A 528 11.13 34.97 5.14
CA GLY A 528 10.02 34.05 5.35
C GLY A 528 8.76 34.67 5.88
N ILE A 529 7.72 33.84 6.04
CA ILE A 529 6.44 34.31 6.52
C ILE A 529 6.54 34.99 7.89
N LEU A 530 7.22 34.35 8.80
CA LEU A 530 7.37 34.96 10.12
C LEU A 530 8.06 36.30 9.99
N SER A 531 8.95 36.44 9.00
CA SER A 531 9.69 37.68 8.78
C SER A 531 8.78 38.76 8.20
N ILE A 532 7.77 38.33 7.47
CA ILE A 532 6.80 39.24 6.88
C ILE A 532 5.82 39.67 7.98
N LEU A 533 4.98 38.72 8.44
CA LEU A 533 3.97 39.05 9.47
C LEU A 533 4.54 39.74 10.68
N GLU A 534 5.87 39.74 10.76
CA GLU A 534 6.56 40.40 11.86
C GLU A 534 6.93 41.84 11.46
N GLU A 535 6.97 42.13 10.16
CA GLU A 535 7.32 43.47 9.71
C GLU A 535 6.07 44.20 9.20
N GLU A 536 5.10 43.43 8.69
CA GLU A 536 3.88 44.02 8.17
C GLU A 536 3.05 44.69 9.26
N CYS A 537 3.66 44.87 10.43
CA CYS A 537 2.98 45.49 11.55
C CYS A 537 3.64 46.83 11.89
N MET A 538 4.81 47.07 11.31
CA MET A 538 5.53 48.32 11.55
C MET A 538 4.81 49.44 10.82
N PHE A 539 3.51 49.28 10.68
CA PHE A 539 2.66 50.27 10.02
C PHE A 539 1.20 49.85 10.20
N PRO A 540 0.36 50.76 10.73
CA PRO A 540 -1.06 50.48 10.95
C PRO A 540 -1.82 50.04 9.69
N LYS A 541 -1.11 50.04 8.55
CA LYS A 541 -1.70 49.62 7.28
C LYS A 541 -1.79 48.09 7.26
N ALA A 542 -2.37 47.55 8.34
CA ALA A 542 -2.56 46.12 8.53
C ALA A 542 -3.71 45.55 7.68
N ASP A 543 -3.75 45.95 6.41
CA ASP A 543 -4.79 45.48 5.50
C ASP A 543 -4.47 44.03 5.17
N ASP A 544 -5.31 43.10 5.62
CA ASP A 544 -5.09 41.69 5.34
C ASP A 544 -4.94 41.38 3.85
N LYS A 545 -5.45 42.27 2.99
CA LYS A 545 -5.34 42.09 1.55
C LYS A 545 -3.93 42.46 1.08
N SER A 546 -3.34 43.45 1.74
CA SER A 546 -1.98 43.90 1.43
C SER A 546 -0.99 42.88 1.98
N PHE A 547 -1.52 41.98 2.79
CA PHE A 547 -0.71 40.91 3.38
C PHE A 547 -0.79 39.69 2.49
N GLN A 548 -2.00 39.26 2.16
CA GLN A 548 -2.15 38.09 1.30
C GLN A 548 -1.36 38.31 0.00
N ASP A 549 -1.13 39.56 -0.36
CA ASP A 549 -0.37 39.85 -1.57
C ASP A 549 1.13 39.77 -1.30
N LYS A 550 1.64 40.68 -0.46
CA LYS A 550 3.05 40.75 -0.12
C LYS A 550 3.66 39.37 0.08
N LEU A 551 2.87 38.48 0.64
CA LEU A 551 3.28 37.10 0.87
C LEU A 551 3.50 36.45 -0.48
N TYR A 552 2.46 36.46 -1.31
CA TYR A 552 2.51 35.85 -2.65
C TYR A 552 3.33 36.68 -3.63
N GLN A 553 3.84 37.80 -3.14
CA GLN A 553 4.66 38.71 -3.93
C GLN A 553 6.10 38.34 -3.66
N ASN A 554 6.31 37.38 -2.77
CA ASN A 554 7.66 36.96 -2.44
C ASN A 554 7.82 35.46 -2.41
N HIS A 555 6.73 34.75 -2.10
CA HIS A 555 6.79 33.29 -2.02
C HIS A 555 5.68 32.60 -2.82
N MET A 556 5.41 33.07 -4.04
CA MET A 556 4.36 32.46 -4.85
C MET A 556 4.91 31.77 -6.09
N GLY A 557 4.64 30.47 -6.20
CA GLY A 557 5.13 29.71 -7.35
C GLY A 557 6.63 29.59 -7.43
N LYS A 558 7.35 30.11 -6.45
CA LYS A 558 8.80 30.01 -6.45
C LYS A 558 9.24 28.65 -5.90
N ASN A 559 8.82 28.34 -4.66
CA ASN A 559 9.15 27.08 -3.97
C ASN A 559 8.16 25.98 -4.32
N ARG A 560 7.88 25.16 -3.31
CA ARG A 560 6.92 24.08 -3.48
C ARG A 560 5.84 24.07 -2.40
N MET A 561 5.03 25.14 -2.30
CA MET A 561 3.96 25.18 -1.32
C MET A 561 2.82 26.18 -1.64
N PHE A 562 1.78 25.68 -2.28
CA PHE A 562 0.60 26.47 -2.63
C PHE A 562 -0.40 25.66 -3.44
N THR A 569 -9.14 20.29 -3.45
CA THR A 569 -10.44 20.38 -2.77
C THR A 569 -10.46 19.60 -1.47
N ARG A 570 -11.34 20.02 -0.57
CA ARG A 570 -11.47 19.38 0.73
C ARG A 570 -12.95 19.27 1.13
N PRO A 571 -13.33 18.17 1.83
CA PRO A 571 -14.70 17.91 2.29
C PRO A 571 -14.87 18.33 3.74
N ASN A 572 -15.98 18.97 4.08
CA ASN A 572 -16.18 19.37 5.46
C ASN A 572 -15.08 20.32 5.88
N GLN A 573 -14.22 20.67 4.92
CA GLN A 573 -13.14 21.60 5.15
C GLN A 573 -13.63 22.97 4.77
N GLY A 574 -13.10 23.99 5.44
CA GLY A 574 -13.51 25.36 5.15
C GLY A 574 -12.56 26.22 4.32
N PRO A 575 -12.35 27.50 4.70
CA PRO A 575 -11.51 28.58 4.13
C PRO A 575 -10.01 28.63 4.39
N ALA A 576 -9.22 28.82 3.34
CA ALA A 576 -7.77 28.92 3.49
C ALA A 576 -7.12 29.69 2.34
N HIS A 577 -6.00 30.36 2.61
CA HIS A 577 -5.31 31.14 1.60
C HIS A 577 -4.03 30.61 0.93
N PHE A 578 -3.29 29.75 1.62
CA PHE A 578 -2.10 29.10 1.03
C PHE A 578 -1.78 27.91 1.94
N GLU A 579 -1.24 26.84 1.38
CA GLU A 579 -0.89 25.67 2.18
C GLU A 579 0.58 25.71 2.50
N LEU A 580 1.08 24.58 2.94
CA LEU A 580 2.47 24.44 3.19
C LEU A 580 2.76 22.97 3.21
N HIS A 581 3.51 22.54 2.20
CA HIS A 581 3.88 21.16 2.11
C HIS A 581 4.71 20.91 3.35
N HIS A 582 4.05 20.50 4.43
CA HIS A 582 4.74 20.23 5.69
C HIS A 582 5.32 18.85 5.64
N TYR A 583 5.27 18.15 6.75
CA TYR A 583 5.77 16.80 6.70
C TYR A 583 4.60 15.85 6.81
N ALA A 584 3.86 15.86 7.92
CA ALA A 584 2.76 14.90 8.00
C ALA A 584 1.63 15.27 7.06
N GLY A 585 1.87 16.22 6.16
CA GLY A 585 0.83 16.62 5.23
C GLY A 585 0.88 18.06 4.81
N ASN A 586 -0.12 18.51 4.08
CA ASN A 586 -0.13 19.90 3.65
C ASN A 586 -1.21 20.62 4.43
N VAL A 587 -0.81 21.67 5.13
CA VAL A 587 -1.73 22.46 5.94
C VAL A 587 -2.22 23.70 5.19
N PRO A 588 -3.49 23.72 4.79
CA PRO A 588 -4.05 24.87 4.07
C PRO A 588 -4.29 26.01 5.06
N TYR A 589 -3.36 26.95 5.11
CA TYR A 589 -3.44 28.08 6.03
C TYR A 589 -4.31 29.20 5.54
N SER A 590 -4.92 29.92 6.47
CA SER A 590 -5.78 31.05 6.15
C SER A 590 -5.29 32.25 6.98
N ILE A 591 -4.78 33.28 6.30
CA ILE A 591 -4.27 34.45 7.01
C ILE A 591 -5.32 35.46 7.42
N THR A 592 -6.58 35.09 7.23
CA THR A 592 -7.69 35.97 7.59
C THR A 592 -7.55 36.46 9.03
N GLY A 593 -7.52 37.79 9.20
CA GLY A 593 -7.40 38.37 10.52
C GLY A 593 -6.22 37.81 11.31
N TRP A 594 -5.04 37.93 10.70
CA TRP A 594 -3.83 37.42 11.32
C TRP A 594 -3.10 38.48 12.10
N LEU A 595 -2.88 39.62 11.47
CA LEU A 595 -2.18 40.71 12.10
C LEU A 595 -2.59 41.00 13.55
N GLU A 596 -3.81 41.49 13.75
CA GLU A 596 -4.29 41.79 15.11
C GLU A 596 -4.03 40.64 16.07
N LYS A 597 -4.14 39.41 15.56
CA LYS A 597 -3.92 38.21 16.37
C LYS A 597 -2.46 38.07 16.73
N ASN A 598 -1.61 38.70 15.93
CA ASN A 598 -0.17 38.65 16.17
C ASN A 598 0.28 39.56 17.33
N LYS A 599 -0.66 40.25 17.98
CA LYS A 599 -0.29 41.08 19.12
C LYS A 599 -1.49 41.50 19.95
N ASP A 600 -1.28 42.46 20.84
CA ASP A 600 -2.33 42.93 21.71
C ASP A 600 -2.97 44.22 21.22
N PRO A 601 -4.23 44.12 20.76
CA PRO A 601 -4.99 45.27 20.27
C PRO A 601 -5.65 46.01 21.42
N ILE A 602 -4.98 46.05 22.57
CA ILE A 602 -5.53 46.73 23.73
C ILE A 602 -5.38 48.24 23.64
N ASN A 603 -6.47 48.94 23.90
CA ASN A 603 -6.49 50.39 23.84
C ASN A 603 -5.42 50.91 24.79
N GLU A 604 -4.32 51.35 24.20
CA GLU A 604 -3.22 51.87 24.99
C GLU A 604 -3.73 52.73 26.15
N ASN A 605 -4.95 53.27 26.02
CA ASN A 605 -5.54 54.10 27.07
C ASN A 605 -5.60 53.30 28.37
N VAL A 606 -5.96 52.03 28.22
CA VAL A 606 -6.06 51.11 29.33
C VAL A 606 -4.67 50.76 29.89
N VAL A 607 -3.79 50.29 29.01
CA VAL A 607 -2.42 49.90 29.36
C VAL A 607 -1.82 50.89 30.35
N ALA A 608 -1.28 51.98 29.81
CA ALA A 608 -0.66 53.01 30.62
C ALA A 608 -1.48 53.25 31.89
N LEU A 609 -2.79 53.19 31.72
CA LEU A 609 -3.68 53.42 32.84
C LEU A 609 -3.39 52.36 33.89
N LEU A 610 -3.50 51.11 33.47
CA LEU A 610 -3.28 50.00 34.36
C LEU A 610 -1.82 49.97 34.79
N GLY A 611 -0.96 50.52 33.95
CA GLY A 611 0.46 50.54 34.25
C GLY A 611 0.81 51.44 35.40
N ALA A 612 -0.22 51.97 36.06
CA ALA A 612 -0.03 52.87 37.19
C ALA A 612 -0.93 52.43 38.33
N SER A 613 -1.54 51.26 38.20
CA SER A 613 -2.44 50.76 39.22
C SER A 613 -1.76 50.62 40.57
N LYS A 614 -2.55 50.18 41.55
CA LYS A 614 -2.06 50.01 42.91
C LYS A 614 -1.44 48.63 43.11
N GLU A 615 -2.14 47.58 42.68
CA GLU A 615 -1.66 46.20 42.84
C GLU A 615 -0.32 45.99 42.13
N PRO A 616 0.69 45.52 42.88
CA PRO A 616 2.04 45.29 42.34
C PRO A 616 2.03 44.36 41.15
N LEU A 617 1.17 43.37 41.20
CA LEU A 617 1.09 42.42 40.13
C LEU A 617 0.72 43.13 38.84
N VAL A 618 -0.30 43.97 38.91
CA VAL A 618 -0.77 44.67 37.73
C VAL A 618 0.31 45.52 37.11
N ALA A 619 0.83 46.42 37.93
CA ALA A 619 1.87 47.33 37.48
C ALA A 619 3.01 46.57 36.81
N GLU A 620 3.54 45.60 37.55
CA GLU A 620 4.65 44.79 37.05
C GLU A 620 4.23 44.07 35.80
N LEU A 621 2.95 43.73 35.70
CA LEU A 621 2.47 43.04 34.50
C LEU A 621 2.37 43.99 33.33
N PHE A 622 2.25 45.29 33.64
CA PHE A 622 2.14 46.37 32.65
C PHE A 622 3.11 47.49 32.99
N LYS A 623 4.38 47.14 33.16
CA LYS A 623 5.38 48.13 33.49
C LYS A 623 5.65 49.04 32.30
N ALA A 624 6.71 48.74 31.55
CA ALA A 624 7.07 49.53 30.37
C ALA A 624 7.75 48.63 29.35
N PHE A 642 11.57 44.15 20.56
CA PHE A 642 11.23 42.98 19.77
C PHE A 642 9.71 42.87 19.60
N GLN A 643 9.25 43.57 18.55
CA GLN A 643 7.85 43.62 18.16
C GLN A 643 7.35 42.20 18.08
N THR A 644 6.57 41.91 19.11
CA THR A 644 5.96 40.65 19.46
C THR A 644 5.37 39.49 18.67
N ILE A 645 5.51 38.38 19.40
CA ILE A 645 5.08 37.01 19.18
C ILE A 645 5.42 36.20 17.93
N SER A 646 6.54 36.53 17.32
CA SER A 646 7.06 35.80 16.18
C SER A 646 8.41 36.03 16.78
N ALA A 647 8.45 37.21 17.40
CA ALA A 647 9.58 37.78 18.06
C ALA A 647 9.69 37.22 19.46
N VAL A 648 9.02 36.14 19.73
CA VAL A 648 9.16 35.60 21.05
C VAL A 648 9.32 34.16 20.81
N HIS A 649 8.77 33.72 19.69
CA HIS A 649 8.85 32.33 19.35
C HIS A 649 9.97 32.01 18.39
N ARG A 650 10.29 32.96 17.54
CA ARG A 650 11.36 32.74 16.59
C ARG A 650 12.62 32.64 17.42
N GLU A 651 12.52 33.01 18.70
CA GLU A 651 13.66 32.94 19.60
C GLU A 651 13.51 31.79 20.58
N SER A 652 12.39 31.78 21.31
CA SER A 652 12.14 30.70 22.25
C SER A 652 12.42 29.35 21.62
N LEU A 653 12.13 29.22 20.34
CA LEU A 653 12.36 27.95 19.68
C LEU A 653 13.84 27.82 19.37
N ASN A 654 14.41 28.85 18.76
CA ASN A 654 15.82 28.82 18.42
C ASN A 654 16.58 28.39 19.64
N LYS A 655 16.14 28.91 20.79
CA LYS A 655 16.78 28.59 22.04
C LYS A 655 16.61 27.10 22.28
N LEU A 656 15.40 26.67 22.52
CA LEU A 656 15.18 25.26 22.76
C LEU A 656 16.04 24.40 21.84
N MET A 657 15.89 24.59 20.54
CA MET A 657 16.66 23.79 19.58
C MET A 657 18.16 23.84 19.79
N LYS A 658 18.72 25.04 19.71
CA LYS A 658 20.16 25.20 19.88
C LYS A 658 20.60 24.80 21.28
N ASN A 659 19.74 24.07 21.98
CA ASN A 659 20.03 23.63 23.33
C ASN A 659 19.93 22.11 23.40
N LEU A 660 18.99 21.58 22.64
CA LEU A 660 18.76 20.15 22.55
C LEU A 660 19.87 19.44 21.77
N TYR A 661 20.31 20.08 20.68
CA TYR A 661 21.38 19.54 19.84
C TYR A 661 22.67 19.48 20.64
N SER A 662 22.51 19.39 21.95
CA SER A 662 23.63 19.30 22.86
C SER A 662 23.18 18.40 23.98
N THR A 663 22.26 17.52 23.68
CA THR A 663 21.76 16.62 24.69
C THR A 663 21.42 15.31 24.05
N HIS A 664 22.06 14.25 24.53
CA HIS A 664 21.80 12.91 24.01
C HIS A 664 20.33 12.58 24.30
N PRO A 665 19.48 12.53 23.25
CA PRO A 665 18.05 12.24 23.31
C PRO A 665 17.61 10.89 23.87
N HIS A 666 16.33 10.82 24.20
CA HIS A 666 15.72 9.62 24.73
C HIS A 666 14.26 9.69 24.41
N PHE A 667 13.94 9.31 23.19
CA PHE A 667 12.58 9.38 22.72
C PHE A 667 11.60 8.40 23.40
N VAL A 668 10.33 8.81 23.45
CA VAL A 668 9.24 8.03 24.07
C VAL A 668 7.99 8.32 23.27
N ARG A 669 7.34 7.28 22.77
CA ARG A 669 6.15 7.52 21.98
C ARG A 669 4.90 7.14 22.73
N CYS A 670 3.92 8.03 22.80
CA CYS A 670 2.68 7.68 23.48
C CYS A 670 1.60 7.37 22.47
N ILE A 671 0.70 6.49 22.87
CA ILE A 671 -0.35 6.08 21.97
C ILE A 671 -1.68 6.02 22.69
N ILE A 672 -2.75 6.45 22.03
CA ILE A 672 -4.06 6.39 22.66
C ILE A 672 -4.79 5.13 22.20
N PRO A 673 -5.24 4.30 23.14
CA PRO A 673 -5.96 3.07 22.79
C PRO A 673 -7.31 3.33 22.16
N ASN A 674 -8.10 4.17 22.80
CA ASN A 674 -9.44 4.46 22.31
C ASN A 674 -9.93 5.90 22.51
N GLU A 675 -10.82 6.33 21.63
CA GLU A 675 -11.41 7.67 21.71
C GLU A 675 -12.39 7.71 22.88
N LEU A 676 -12.88 6.52 23.27
CA LEU A 676 -13.84 6.40 24.36
C LEU A 676 -13.17 6.68 25.70
N LYS A 677 -11.83 6.69 25.67
CA LYS A 677 -11.01 7.02 26.85
C LYS A 677 -11.28 6.10 28.03
N GLN A 678 -11.86 4.95 27.71
CA GLN A 678 -12.13 3.97 28.70
C GLN A 678 -11.05 2.93 28.46
N PRO A 679 -10.33 2.56 29.53
CA PRO A 679 -9.23 1.57 29.58
C PRO A 679 -9.62 0.12 29.30
N GLY A 680 -8.69 -0.59 28.65
CA GLY A 680 -8.90 -2.01 28.35
C GLY A 680 -9.21 -2.31 26.88
N LEU A 681 -9.60 -1.26 26.16
CA LEU A 681 -9.97 -1.39 24.79
C LEU A 681 -8.86 -0.93 23.84
N VAL A 682 -8.89 -1.46 22.62
CA VAL A 682 -7.90 -1.08 21.65
C VAL A 682 -8.55 -0.82 20.32
N ASP A 683 -8.42 0.40 19.83
CA ASP A 683 -9.01 0.78 18.58
C ASP A 683 -8.03 0.45 17.48
N ALA A 684 -8.20 -0.71 16.88
CA ALA A 684 -7.33 -1.16 15.81
C ALA A 684 -6.73 -0.04 14.96
N GLU A 685 -7.50 0.45 13.98
CA GLU A 685 -7.04 1.48 13.07
C GLU A 685 -6.35 2.65 13.77
N LEU A 686 -6.74 2.90 15.01
CA LEU A 686 -6.15 3.99 15.79
C LEU A 686 -4.63 3.81 15.95
N VAL A 687 -4.25 2.91 16.86
CA VAL A 687 -2.85 2.62 17.13
C VAL A 687 -2.03 2.58 15.85
N LEU A 688 -2.45 1.72 14.95
CA LEU A 688 -1.74 1.58 13.67
C LEU A 688 -1.28 2.94 13.18
N HIS A 689 -2.20 3.89 13.14
CA HIS A 689 -1.91 5.21 12.64
C HIS A 689 -0.80 5.83 13.44
N GLN A 690 -1.04 5.94 14.73
CA GLN A 690 -0.06 6.55 15.60
C GLN A 690 1.29 5.90 15.40
N LEU A 691 1.32 4.69 14.85
CA LEU A 691 2.59 4.03 14.67
C LEU A 691 3.32 4.56 13.43
N GLN A 692 2.61 4.72 12.34
CA GLN A 692 3.22 5.20 11.10
C GLN A 692 3.65 6.66 11.16
N CYS A 693 4.06 7.13 12.33
CA CYS A 693 4.53 8.51 12.45
C CYS A 693 5.71 8.40 13.33
N ASN A 694 5.96 7.24 13.85
CA ASN A 694 7.09 7.33 14.70
C ASN A 694 8.21 6.38 14.46
N GLY A 695 8.08 5.15 14.89
CA GLY A 695 9.17 4.24 14.72
C GLY A 695 8.54 2.92 14.48
N VAL A 696 8.32 2.68 13.20
CA VAL A 696 7.73 1.48 12.70
C VAL A 696 8.75 1.06 11.63
N LEU A 697 9.73 1.87 11.36
CA LEU A 697 10.80 1.61 10.35
C LEU A 697 11.42 0.24 10.53
N ARG A 704 13.23 3.99 5.74
CA ARG A 704 12.25 4.79 6.43
C ARG A 704 11.77 6.06 5.72
N LYS A 705 12.75 6.90 5.39
CA LYS A 705 12.47 8.20 4.81
C LYS A 705 12.82 8.44 3.36
N GLY A 706 13.92 7.87 2.92
CA GLY A 706 14.39 8.09 1.58
C GLY A 706 15.86 7.86 1.78
N PHE A 707 16.06 6.70 2.41
CA PHE A 707 17.35 6.13 2.75
C PHE A 707 17.32 4.88 1.88
N PRO A 708 18.40 4.07 1.93
CA PRO A 708 18.52 2.84 1.17
C PRO A 708 17.63 1.78 1.79
N SER A 709 17.66 0.61 1.22
CA SER A 709 16.92 -0.47 1.81
C SER A 709 17.89 -1.63 1.90
N ARG A 710 17.71 -2.44 2.91
CA ARG A 710 18.61 -3.53 3.16
C ARG A 710 17.81 -4.81 3.19
N LEU A 711 18.40 -5.89 2.73
CA LEU A 711 17.70 -7.15 2.69
C LEU A 711 18.69 -8.29 2.96
N ILE A 712 18.40 -9.15 3.94
CA ILE A 712 19.30 -10.25 4.28
C ILE A 712 19.73 -11.06 3.07
N TYR A 713 20.99 -11.47 3.00
CA TYR A 713 21.45 -12.25 1.86
C TYR A 713 20.68 -13.57 1.68
N SER A 714 20.22 -14.15 2.79
CA SER A 714 19.46 -15.41 2.78
C SER A 714 18.12 -15.26 2.04
N GLU A 715 17.32 -14.29 2.45
CA GLU A 715 16.03 -14.07 1.83
C GLU A 715 16.16 -13.62 0.38
N PHE A 716 17.23 -12.88 0.07
CA PHE A 716 17.46 -12.39 -1.28
C PHE A 716 17.35 -13.49 -2.30
N LYS A 717 17.61 -14.71 -1.85
CA LYS A 717 17.57 -15.87 -2.71
C LYS A 717 16.25 -16.09 -3.43
N GLN A 718 15.19 -16.19 -2.64
CA GLN A 718 13.86 -16.50 -3.16
C GLN A 718 13.07 -15.55 -4.05
N ARG A 719 13.26 -14.25 -3.92
CA ARG A 719 12.49 -13.32 -4.72
C ARG A 719 13.38 -12.66 -5.76
N TYR A 720 14.55 -13.24 -5.97
CA TYR A 720 15.50 -12.65 -6.90
C TYR A 720 16.45 -13.60 -7.62
N SER A 721 16.40 -14.88 -7.28
CA SER A 721 17.25 -15.87 -7.93
C SER A 721 16.81 -15.97 -9.38
N ILE A 722 15.50 -16.04 -9.55
CA ILE A 722 14.89 -16.11 -10.86
C ILE A 722 15.31 -15.00 -11.82
N LEU A 723 15.88 -13.89 -11.33
CA LEU A 723 16.22 -12.90 -12.34
C LEU A 723 17.49 -13.35 -13.08
N ALA A 724 18.31 -14.18 -12.46
CA ALA A 724 19.42 -14.81 -13.19
C ALA A 724 19.38 -16.31 -12.83
N PRO A 725 18.29 -17.07 -13.15
CA PRO A 725 18.47 -18.45 -12.69
C PRO A 725 19.66 -19.29 -13.15
N ASN A 726 20.68 -18.70 -13.72
CA ASN A 726 21.79 -19.55 -14.13
C ASN A 726 22.96 -19.49 -13.16
N ASP A 734 23.34 -21.79 0.01
CA ASP A 734 24.44 -20.88 0.32
C ASP A 734 23.92 -19.55 0.83
N GLY A 735 24.64 -18.48 0.53
CA GLY A 735 24.25 -17.15 0.96
C GLY A 735 24.78 -16.05 0.04
N LYS A 736 25.35 -15.00 0.63
CA LYS A 736 25.90 -13.88 -0.12
C LYS A 736 26.52 -14.31 -1.46
N THR A 737 27.23 -15.42 -1.42
CA THR A 737 27.89 -15.96 -2.60
C THR A 737 26.89 -16.07 -3.77
N VAL A 738 25.68 -16.57 -3.47
CA VAL A 738 24.62 -16.75 -4.46
C VAL A 738 24.35 -15.48 -5.27
N SER A 739 23.81 -14.48 -4.58
CA SER A 739 23.49 -13.19 -5.18
C SER A 739 24.75 -12.53 -5.74
N GLU A 740 25.83 -12.59 -4.98
CA GLU A 740 27.09 -11.96 -5.35
C GLU A 740 27.26 -11.73 -6.85
N LYS A 741 27.06 -12.80 -7.63
CA LYS A 741 27.18 -12.74 -9.07
C LYS A 741 25.99 -12.11 -9.80
N ILE A 742 24.79 -12.57 -9.48
CA ILE A 742 23.57 -12.07 -10.13
C ILE A 742 23.67 -10.62 -10.57
N LEU A 743 23.62 -9.71 -9.61
CA LEU A 743 23.71 -8.29 -9.90
C LEU A 743 24.92 -8.00 -10.80
N ALA A 744 26.09 -8.49 -10.39
CA ALA A 744 27.33 -8.28 -11.15
C ALA A 744 27.15 -8.60 -12.63
N GLY A 745 26.54 -9.74 -12.92
CA GLY A 745 26.31 -10.13 -14.29
C GLY A 745 25.16 -9.36 -14.90
N LEU A 746 24.21 -8.99 -14.06
CA LEU A 746 23.06 -8.22 -14.55
C LEU A 746 23.48 -6.83 -14.94
N GLN A 747 24.80 -6.58 -14.98
CA GLN A 747 25.34 -5.27 -15.34
C GLN A 747 24.75 -4.14 -14.47
N MET A 748 24.30 -4.52 -13.27
CA MET A 748 23.68 -3.61 -12.30
C MET A 748 24.43 -2.30 -12.20
N ASP A 749 23.79 -1.21 -12.63
CA ASP A 749 24.44 0.08 -12.56
C ASP A 749 25.10 0.04 -11.18
N PRO A 750 26.41 -0.18 -11.16
CA PRO A 750 27.25 -0.27 -9.95
C PRO A 750 27.26 0.92 -9.01
N ALA A 751 26.32 1.84 -9.15
CA ALA A 751 26.33 3.00 -8.25
C ALA A 751 25.15 2.92 -7.33
N GLU A 752 24.25 1.99 -7.67
CA GLU A 752 23.00 1.79 -6.95
C GLU A 752 23.07 0.73 -5.88
N TYR A 753 24.26 0.45 -5.35
CA TYR A 753 24.35 -0.55 -4.33
C TYR A 753 25.71 -0.57 -3.65
N ARG A 754 25.70 -1.19 -2.46
CA ARG A 754 26.90 -1.34 -1.63
C ARG A 754 26.70 -2.63 -0.82
N LEU A 755 27.49 -3.64 -1.16
CA LEU A 755 27.43 -4.94 -0.51
C LEU A 755 28.01 -4.95 0.88
N GLY A 756 27.22 -5.41 1.84
CA GLY A 756 27.68 -5.43 3.21
C GLY A 756 27.83 -6.81 3.80
N THR A 757 28.11 -6.85 5.09
CA THR A 757 28.31 -8.11 5.80
C THR A 757 27.06 -8.64 6.48
N THR A 758 26.11 -7.78 6.77
CA THR A 758 24.94 -8.30 7.46
C THR A 758 24.02 -8.82 6.41
N LYS A 759 23.88 -7.93 5.42
CA LYS A 759 23.05 -8.13 4.26
C LYS A 759 23.60 -7.21 3.17
N VAL A 760 22.70 -6.88 2.23
CA VAL A 760 23.00 -6.06 1.06
C VAL A 760 22.11 -4.80 1.00
N PHE A 761 22.68 -3.69 0.55
CA PHE A 761 21.96 -2.41 0.48
C PHE A 761 21.67 -1.88 -0.92
N PHE A 762 20.52 -1.22 -1.09
CA PHE A 762 20.11 -0.60 -2.37
C PHE A 762 19.77 0.87 -2.12
N LYS A 763 19.86 1.69 -3.15
CA LYS A 763 19.61 3.13 -2.97
C LYS A 763 18.22 3.60 -2.80
N ALA A 764 17.60 3.95 -3.92
CA ALA A 764 16.23 4.46 -3.94
C ALA A 764 15.27 3.29 -4.05
N GLY A 765 13.97 3.56 -4.13
CA GLY A 765 13.02 2.48 -4.30
C GLY A 765 13.52 1.80 -5.57
N VAL A 766 14.43 0.86 -5.38
CA VAL A 766 15.08 0.11 -6.45
C VAL A 766 14.71 -1.33 -6.33
N LEU A 767 14.71 -1.78 -5.09
CA LEU A 767 14.36 -3.14 -4.83
C LEU A 767 13.04 -3.21 -5.57
N GLY A 768 12.33 -2.10 -5.54
CA GLY A 768 11.06 -2.05 -6.24
C GLY A 768 11.38 -2.08 -7.72
N ASN A 769 12.33 -1.25 -8.12
CA ASN A 769 12.75 -1.16 -9.51
C ASN A 769 13.09 -2.57 -10.00
N LEU A 770 13.61 -3.40 -9.09
CA LEU A 770 13.99 -4.79 -9.41
C LEU A 770 12.74 -5.63 -9.47
N GLU A 771 11.93 -5.53 -8.43
CA GLU A 771 10.69 -6.27 -8.30
C GLU A 771 9.95 -6.35 -9.64
N GLU A 772 9.99 -5.26 -10.38
CA GLU A 772 9.33 -5.22 -11.67
C GLU A 772 10.08 -6.14 -12.60
N MET A 773 11.40 -6.02 -12.64
CA MET A 773 12.17 -6.88 -13.51
C MET A 773 11.86 -8.33 -13.20
N ARG A 774 11.19 -8.55 -12.08
CA ARG A 774 10.82 -9.90 -11.67
C ARG A 774 9.43 -10.22 -12.16
N ASP A 775 8.44 -9.53 -11.57
CA ASP A 775 7.04 -9.71 -11.91
C ASP A 775 6.87 -9.90 -13.42
N GLU A 776 7.67 -9.18 -14.20
CA GLU A 776 7.60 -9.26 -15.66
C GLU A 776 8.33 -10.48 -16.18
N ARG A 777 9.63 -10.55 -15.90
CA ARG A 777 10.46 -11.65 -16.35
C ARG A 777 9.85 -13.00 -15.96
N LEU A 778 9.59 -13.15 -14.67
CA LEU A 778 9.00 -14.37 -14.12
C LEU A 778 7.83 -14.87 -14.96
N SER A 779 7.03 -13.93 -15.44
CA SER A 779 5.86 -14.23 -16.26
C SER A 779 6.31 -14.76 -17.63
N LYS A 780 7.33 -14.13 -18.20
CA LYS A 780 7.88 -14.53 -19.51
C LYS A 780 8.29 -15.99 -19.46
N ILE A 781 8.67 -16.46 -18.26
CA ILE A 781 9.06 -17.85 -18.11
C ILE A 781 7.85 -18.70 -18.34
N ILE A 782 6.80 -18.40 -17.59
CA ILE A 782 5.56 -19.13 -17.72
C ILE A 782 5.18 -19.18 -19.19
N SER A 783 5.51 -18.13 -19.93
CA SER A 783 5.20 -18.06 -21.34
C SER A 783 5.95 -19.15 -22.11
N MET A 784 7.27 -19.14 -22.01
CA MET A 784 8.09 -20.12 -22.69
C MET A 784 7.59 -21.52 -22.42
N PHE A 785 7.09 -21.73 -21.21
CA PHE A 785 6.58 -23.03 -20.81
C PHE A 785 5.32 -23.34 -21.57
N GLN A 786 4.30 -22.51 -21.37
CA GLN A 786 3.05 -22.71 -22.05
C GLN A 786 3.33 -22.82 -23.55
N ALA A 787 4.21 -21.97 -24.05
CA ALA A 787 4.57 -22.00 -25.47
C ALA A 787 5.21 -23.36 -25.79
N HIS A 788 5.91 -23.91 -24.81
CA HIS A 788 6.60 -25.20 -24.93
C HIS A 788 5.54 -26.29 -24.99
N ILE A 789 4.49 -26.09 -24.20
CA ILE A 789 3.39 -27.04 -24.12
C ILE A 789 2.71 -27.10 -25.48
N ARG A 790 2.65 -25.94 -26.14
CA ARG A 790 2.03 -25.87 -27.46
C ARG A 790 2.93 -26.61 -28.42
N GLY A 791 4.23 -26.35 -28.31
CA GLY A 791 5.17 -27.01 -29.17
C GLY A 791 5.28 -28.50 -28.93
N TYR A 792 4.56 -28.98 -27.92
CA TYR A 792 4.56 -30.40 -27.59
C TYR A 792 3.37 -31.08 -28.24
N LEU A 793 2.19 -30.47 -28.12
CA LEU A 793 0.98 -31.01 -28.69
C LEU A 793 1.06 -31.24 -30.20
N ILE A 794 1.43 -30.18 -30.92
CA ILE A 794 1.56 -30.21 -32.38
C ILE A 794 2.38 -31.42 -32.81
N ARG A 795 3.54 -31.56 -32.19
CA ARG A 795 4.38 -32.71 -32.48
C ARG A 795 3.51 -33.96 -32.40
N LYS A 796 2.89 -34.21 -31.27
CA LYS A 796 2.03 -35.39 -31.11
C LYS A 796 1.10 -35.66 -32.31
N ALA A 797 0.42 -34.63 -32.79
CA ALA A 797 -0.51 -34.80 -33.92
C ALA A 797 0.17 -34.84 -35.28
N TYR A 798 1.40 -34.34 -35.37
CA TYR A 798 2.13 -34.31 -36.62
C TYR A 798 2.22 -35.66 -37.28
N LYS A 799 2.10 -36.69 -36.47
CA LYS A 799 2.16 -38.04 -37.00
C LYS A 799 0.92 -38.24 -37.86
N LYS A 800 -0.23 -37.90 -37.29
CA LYS A 800 -1.49 -38.06 -38.00
C LYS A 800 -1.71 -36.93 -38.99
N LEU A 801 -1.18 -35.76 -38.67
CA LEU A 801 -1.29 -34.58 -39.51
C LEU A 801 -0.56 -34.85 -40.84
N GLN A 802 0.25 -35.89 -40.83
CA GLN A 802 1.04 -36.30 -41.99
C GLN A 802 0.59 -37.68 -42.46
N ASP A 803 0.06 -38.44 -41.52
CA ASP A 803 -0.42 -39.80 -41.78
C ASP A 803 -1.72 -39.67 -42.56
N GLN A 804 -2.57 -38.71 -42.18
CA GLN A 804 -3.85 -38.57 -42.86
C GLN A 804 -3.55 -38.02 -44.24
N ARG A 805 -2.47 -37.25 -44.33
CA ARG A 805 -2.08 -36.64 -45.59
C ARG A 805 -2.30 -37.61 -46.74
N ILE A 806 -1.82 -38.83 -46.55
CA ILE A 806 -1.94 -39.88 -47.56
C ILE A 806 -3.36 -40.41 -47.52
N GLY A 807 -3.97 -40.45 -46.34
CA GLY A 807 -5.32 -40.94 -46.23
C GLY A 807 -6.31 -40.21 -47.11
N LEU A 808 -6.35 -38.89 -46.96
CA LEU A 808 -7.24 -38.03 -47.76
C LEU A 808 -6.83 -38.14 -49.22
N SER A 809 -5.54 -37.98 -49.49
CA SER A 809 -5.04 -38.07 -50.85
C SER A 809 -5.55 -39.34 -51.54
N VAL A 810 -5.94 -40.33 -50.75
CA VAL A 810 -6.48 -41.58 -51.31
C VAL A 810 -7.87 -41.33 -51.83
N ILE A 811 -8.79 -40.99 -50.94
CA ILE A 811 -10.18 -40.77 -51.35
C ILE A 811 -10.22 -39.69 -52.43
N GLN A 812 -9.87 -38.48 -52.03
CA GLN A 812 -9.84 -37.35 -52.93
C GLN A 812 -9.40 -37.68 -54.37
N ARG A 813 -8.46 -38.60 -54.54
CA ARG A 813 -7.99 -39.00 -55.87
C ARG A 813 -8.77 -40.18 -56.43
N ASN A 814 -9.24 -41.04 -55.54
CA ASN A 814 -10.00 -42.23 -55.97
C ASN A 814 -11.29 -41.77 -56.61
N ILE A 815 -12.01 -40.87 -55.94
CA ILE A 815 -13.25 -40.39 -56.49
C ILE A 815 -12.96 -39.53 -57.71
N ARG A 816 -12.00 -38.62 -57.58
CA ARG A 816 -11.66 -37.77 -58.72
C ARG A 816 -11.34 -38.60 -59.96
N LYS A 817 -11.27 -39.91 -59.81
CA LYS A 817 -10.94 -40.80 -60.92
C LYS A 817 -12.11 -41.74 -61.16
N TRP A 818 -13.10 -41.66 -60.27
CA TRP A 818 -14.29 -42.50 -60.35
C TRP A 818 -15.33 -41.83 -61.21
N LEU A 819 -15.43 -40.51 -61.03
CA LEU A 819 -16.38 -39.73 -61.79
C LEU A 819 -15.96 -39.75 -63.26
N VAL A 820 -14.68 -39.53 -63.50
CA VAL A 820 -14.20 -39.50 -64.87
C VAL A 820 -14.59 -40.80 -65.57
N LEU A 821 -14.63 -41.89 -64.81
CA LEU A 821 -15.01 -43.18 -65.34
C LEU A 821 -16.54 -43.26 -65.62
N ARG A 822 -17.35 -42.70 -64.72
CA ARG A 822 -18.81 -42.73 -64.87
C ARG A 822 -19.21 -41.79 -65.98
N ASN A 823 -18.21 -41.16 -66.57
CA ASN A 823 -18.45 -40.22 -67.64
C ASN A 823 -17.66 -40.62 -68.88
N TRP A 824 -17.45 -41.93 -69.04
CA TRP A 824 -16.74 -42.48 -70.18
C TRP A 824 -17.69 -43.34 -71.01
N GLN A 825 -18.09 -42.77 -72.15
CA GLN A 825 -19.03 -43.39 -73.08
C GLN A 825 -19.14 -44.89 -72.93
N TRP A 826 -18.01 -45.57 -73.09
CA TRP A 826 -17.93 -47.03 -73.02
C TRP A 826 -18.53 -47.62 -71.76
N TRP A 827 -18.11 -47.10 -70.62
CA TRP A 827 -18.57 -47.63 -69.35
C TRP A 827 -20.08 -47.57 -69.25
N LYS A 828 -20.63 -46.39 -69.40
CA LYS A 828 -22.07 -46.24 -69.33
C LYS A 828 -22.66 -47.37 -70.17
N LEU A 829 -22.08 -47.53 -71.36
CA LEU A 829 -22.52 -48.54 -72.30
C LEU A 829 -22.46 -49.90 -71.65
N TYR A 830 -21.36 -50.16 -70.95
CA TYR A 830 -21.22 -51.44 -70.28
C TYR A 830 -22.28 -51.56 -69.20
N SER A 831 -22.36 -50.59 -68.32
CA SER A 831 -23.35 -50.64 -67.26
C SER A 831 -24.75 -50.74 -67.87
N LYS A 832 -24.96 -50.06 -69.00
CA LYS A 832 -26.25 -50.08 -69.68
C LYS A 832 -26.63 -51.53 -69.96
N VAL A 833 -25.64 -52.26 -70.44
CA VAL A 833 -25.79 -53.68 -70.72
C VAL A 833 -25.62 -54.51 -69.47
N LYS A 834 -25.93 -54.13 -68.24
CA LYS A 834 -25.63 -55.18 -67.28
C LYS A 834 -26.79 -56.17 -67.15
N PRO A 835 -26.91 -57.14 -68.10
CA PRO A 835 -28.00 -58.10 -68.03
C PRO A 835 -27.90 -59.04 -66.82
N PRO B 13 -9.63 -59.47 -61.67
CA PRO B 13 -9.94 -59.55 -63.11
C PRO B 13 -10.17 -60.87 -63.86
N GLN B 14 -10.77 -61.91 -63.31
CA GLN B 14 -11.00 -63.08 -64.17
C GLN B 14 -12.47 -63.21 -64.48
N LYS B 15 -13.21 -63.58 -63.44
CA LYS B 15 -14.64 -63.76 -63.56
C LYS B 15 -15.25 -62.57 -64.30
N GLN B 16 -14.64 -61.39 -64.14
CA GLN B 16 -15.12 -60.20 -64.80
C GLN B 16 -15.09 -60.40 -66.31
N ILE B 17 -14.03 -61.04 -66.80
CA ILE B 17 -13.89 -61.30 -68.22
C ILE B 17 -15.08 -62.13 -68.70
N GLN B 18 -15.38 -63.20 -67.98
CA GLN B 18 -16.50 -64.06 -68.35
C GLN B 18 -17.76 -63.21 -68.52
N GLU B 19 -17.89 -62.19 -67.67
CA GLU B 19 -19.02 -61.27 -67.68
C GLU B 19 -18.81 -60.22 -68.76
N MET B 20 -17.56 -60.07 -69.18
CA MET B 20 -17.18 -59.13 -70.22
C MET B 20 -17.72 -59.59 -71.54
N LYS B 21 -17.43 -60.84 -71.86
CA LYS B 21 -17.93 -61.44 -73.09
C LYS B 21 -19.44 -61.19 -73.14
N GLU B 22 -20.12 -61.42 -72.03
CA GLU B 22 -21.57 -61.20 -71.99
C GLU B 22 -21.79 -59.78 -72.44
N ALA B 23 -20.90 -58.88 -72.08
CA ALA B 23 -21.07 -57.50 -72.47
C ALA B 23 -20.61 -57.33 -73.90
N PHE B 24 -20.05 -58.39 -74.45
CA PHE B 24 -19.57 -58.35 -75.80
C PHE B 24 -20.62 -58.91 -76.76
N SER B 25 -21.44 -59.81 -76.26
CA SER B 25 -22.48 -60.42 -77.07
C SER B 25 -23.61 -59.45 -77.39
N MET B 26 -24.08 -58.78 -76.35
CA MET B 26 -25.18 -57.83 -76.49
C MET B 26 -24.80 -56.73 -77.47
N ILE B 27 -23.60 -56.21 -77.36
CA ILE B 27 -23.15 -55.14 -78.25
C ILE B 27 -23.08 -55.56 -79.72
N ASP B 28 -22.51 -56.74 -79.93
CA ASP B 28 -22.28 -57.38 -81.24
C ASP B 28 -23.56 -57.98 -81.83
N VAL B 29 -24.53 -57.12 -82.16
CA VAL B 29 -25.80 -57.62 -82.72
C VAL B 29 -25.64 -58.64 -83.83
N ASP B 30 -25.20 -58.19 -85.00
CA ASP B 30 -25.03 -59.09 -86.15
C ASP B 30 -23.97 -60.18 -85.96
N ARG B 31 -23.33 -60.17 -84.79
CA ARG B 31 -22.26 -61.13 -84.46
C ARG B 31 -21.26 -61.10 -85.61
N ASP B 32 -21.02 -59.90 -86.12
CA ASP B 32 -20.11 -59.70 -87.27
C ASP B 32 -18.71 -59.89 -86.80
N GLY B 33 -18.60 -60.63 -85.71
CA GLY B 33 -17.32 -60.86 -85.10
C GLY B 33 -17.20 -59.65 -84.19
N PHE B 34 -17.20 -58.47 -84.80
CA PHE B 34 -17.04 -57.28 -84.02
C PHE B 34 -18.19 -56.35 -83.84
N VAL B 35 -17.82 -55.31 -83.11
CA VAL B 35 -18.64 -54.20 -82.73
C VAL B 35 -18.54 -53.18 -83.84
N SER B 36 -19.37 -53.34 -84.86
CA SER B 36 -19.37 -52.40 -85.96
C SER B 36 -19.77 -51.05 -85.36
N LYS B 37 -19.27 -49.97 -85.96
CA LYS B 37 -19.61 -48.64 -85.47
C LYS B 37 -21.12 -48.61 -85.26
N GLU B 38 -21.82 -49.37 -86.09
CA GLU B 38 -23.28 -49.48 -86.02
C GLU B 38 -23.75 -50.39 -84.91
N ASP B 39 -22.94 -51.37 -84.52
CA ASP B 39 -23.36 -52.26 -83.46
C ASP B 39 -23.59 -51.50 -82.17
N ILE B 40 -22.94 -50.35 -82.02
CA ILE B 40 -23.12 -49.52 -80.83
C ILE B 40 -24.49 -48.87 -80.91
N LYS B 41 -24.70 -48.03 -81.91
CA LYS B 41 -25.98 -47.32 -82.08
C LYS B 41 -27.13 -48.27 -81.93
N ALA B 42 -26.80 -49.55 -81.93
CA ALA B 42 -27.75 -50.63 -81.80
C ALA B 42 -28.41 -50.82 -80.47
N ILE B 43 -27.72 -51.50 -79.58
CA ILE B 43 -28.26 -51.80 -78.31
C ILE B 43 -28.62 -50.47 -77.67
N SER B 44 -27.78 -49.49 -77.89
CA SER B 44 -28.01 -48.18 -77.28
C SER B 44 -29.37 -47.64 -77.67
N GLU B 45 -29.69 -47.65 -78.95
CA GLU B 45 -31.00 -47.16 -79.36
C GLU B 45 -32.05 -48.10 -78.76
N GLN B 46 -31.87 -49.39 -79.04
CA GLN B 46 -32.77 -50.46 -78.55
C GLN B 46 -32.72 -50.52 -77.04
N LEU B 47 -31.94 -49.59 -76.47
CA LEU B 47 -31.75 -49.51 -75.04
C LEU B 47 -31.63 -48.15 -74.39
N GLY B 48 -31.13 -47.14 -75.07
CA GLY B 48 -30.96 -45.88 -74.40
C GLY B 48 -30.88 -44.62 -75.22
N ARG B 49 -30.07 -43.69 -74.76
CA ARG B 49 -29.92 -42.44 -75.47
C ARG B 49 -28.74 -42.53 -76.41
N ALA B 50 -29.06 -42.89 -77.65
CA ALA B 50 -28.08 -43.02 -78.71
C ALA B 50 -27.13 -41.83 -78.77
N PRO B 51 -25.82 -42.08 -78.65
CA PRO B 51 -24.82 -41.02 -78.69
C PRO B 51 -24.78 -40.30 -80.05
N ASP B 52 -24.30 -39.05 -80.01
CA ASP B 52 -24.20 -38.22 -81.19
C ASP B 52 -23.28 -38.90 -82.19
N ASP B 53 -23.28 -38.42 -83.43
CA ASP B 53 -22.44 -38.98 -84.47
C ASP B 53 -20.99 -39.07 -84.02
N LYS B 54 -20.32 -37.92 -83.99
CA LYS B 54 -18.91 -37.87 -83.60
C LYS B 54 -18.66 -38.64 -82.31
N GLU B 55 -19.57 -38.50 -81.35
CA GLU B 55 -19.46 -39.22 -80.07
C GLU B 55 -19.15 -40.70 -80.32
N LEU B 56 -19.82 -41.25 -81.32
CA LEU B 56 -19.64 -42.66 -81.68
C LEU B 56 -18.31 -42.80 -82.36
N THR B 57 -18.15 -42.10 -83.49
CA THR B 57 -16.91 -42.17 -84.24
C THR B 57 -15.68 -42.05 -83.36
N ALA B 58 -15.50 -40.92 -82.69
CA ALA B 58 -14.35 -40.74 -81.83
C ALA B 58 -14.37 -41.70 -80.63
N MET B 59 -15.33 -42.62 -80.62
CA MET B 59 -15.44 -43.59 -79.52
C MET B 59 -14.70 -44.86 -79.90
N LEU B 60 -14.36 -45.00 -81.18
CA LEU B 60 -13.65 -46.18 -81.63
C LEU B 60 -12.16 -45.93 -81.68
N LYS B 61 -11.78 -44.74 -82.10
CA LYS B 61 -10.36 -44.43 -82.21
C LYS B 61 -9.70 -44.69 -80.87
N GLU B 62 -10.49 -44.72 -79.80
CA GLU B 62 -9.97 -44.97 -78.46
C GLU B 62 -9.23 -46.30 -78.42
N ALA B 63 -9.46 -47.11 -79.45
CA ALA B 63 -8.81 -48.42 -79.57
C ALA B 63 -7.99 -48.43 -80.84
N PRO B 64 -6.75 -48.94 -80.74
CA PRO B 64 -5.81 -49.05 -81.85
C PRO B 64 -6.37 -49.56 -83.17
N GLY B 65 -6.92 -50.77 -83.16
CA GLY B 65 -7.47 -51.33 -84.37
C GLY B 65 -8.89 -51.84 -84.23
N PRO B 66 -9.44 -52.51 -85.27
CA PRO B 66 -10.80 -53.06 -85.27
C PRO B 66 -10.98 -53.99 -84.07
N LEU B 67 -11.95 -53.59 -83.23
CA LEU B 67 -12.28 -54.25 -81.98
C LEU B 67 -12.97 -55.57 -82.03
N ASN B 68 -12.28 -56.59 -81.57
CA ASN B 68 -12.85 -57.91 -81.54
C ASN B 68 -13.31 -57.99 -80.10
N PHE B 69 -12.48 -58.59 -79.24
CA PHE B 69 -12.86 -58.70 -77.85
C PHE B 69 -11.65 -58.36 -77.02
N THR B 70 -10.53 -58.79 -77.59
CA THR B 70 -9.27 -58.61 -77.00
C THR B 70 -9.01 -57.12 -76.99
N MET B 71 -9.47 -56.44 -78.04
CA MET B 71 -9.27 -55.01 -78.06
C MET B 71 -10.33 -54.41 -77.13
N PHE B 72 -11.41 -55.16 -76.92
CA PHE B 72 -12.50 -54.73 -76.04
C PHE B 72 -12.03 -54.80 -74.60
N LEU B 73 -11.31 -55.87 -74.26
CA LEU B 73 -10.83 -55.99 -72.90
C LEU B 73 -9.62 -55.11 -72.73
N SER B 74 -9.16 -54.56 -73.84
CA SER B 74 -8.01 -53.70 -73.82
C SER B 74 -8.37 -52.34 -73.30
N ILE B 75 -9.10 -51.60 -74.12
CA ILE B 75 -9.50 -50.25 -73.77
C ILE B 75 -10.21 -50.25 -72.41
N PHE B 76 -10.46 -51.43 -71.84
CA PHE B 76 -11.13 -51.48 -70.55
C PHE B 76 -10.18 -51.73 -69.40
N SER B 77 -8.94 -52.07 -69.70
CA SER B 77 -8.00 -52.30 -68.62
C SER B 77 -7.28 -50.99 -68.30
N ASP B 78 -7.27 -50.06 -69.25
CA ASP B 78 -6.59 -48.77 -69.05
C ASP B 78 -7.34 -47.89 -68.06
N LYS B 79 -8.65 -47.77 -68.27
CA LYS B 79 -9.48 -46.95 -67.40
C LYS B 79 -9.81 -47.71 -66.11
N LEU B 80 -8.81 -48.37 -65.55
CA LEU B 80 -8.97 -49.14 -64.31
C LEU B 80 -7.61 -49.42 -63.67
N SER B 81 -6.60 -48.74 -64.21
CA SER B 81 -5.22 -48.87 -63.73
C SER B 81 -5.09 -48.57 -62.23
N GLY B 82 -4.94 -47.30 -61.87
CA GLY B 82 -4.81 -46.93 -60.47
C GLY B 82 -6.07 -47.14 -59.65
N THR B 83 -6.37 -48.39 -59.35
CA THR B 83 -7.57 -48.74 -58.57
C THR B 83 -7.17 -49.25 -57.18
N ASP B 84 -6.82 -48.33 -56.30
CA ASP B 84 -6.43 -48.68 -54.92
C ASP B 84 -7.47 -49.62 -54.35
N SER B 85 -7.01 -50.72 -53.76
CA SER B 85 -7.90 -51.71 -53.19
C SER B 85 -9.08 -51.11 -52.44
N GLU B 86 -10.21 -51.82 -52.46
CA GLU B 86 -11.38 -51.35 -51.78
C GLU B 86 -10.99 -51.14 -50.31
N GLU B 87 -10.15 -52.03 -49.81
CA GLU B 87 -9.70 -51.93 -48.41
C GLU B 87 -8.94 -50.64 -48.17
N THR B 88 -7.87 -50.44 -48.92
CA THR B 88 -7.06 -49.23 -48.77
C THR B 88 -7.95 -48.00 -48.84
N ILE B 89 -9.03 -48.11 -49.60
CA ILE B 89 -9.98 -47.02 -49.75
C ILE B 89 -10.81 -46.88 -48.48
N ARG B 90 -11.47 -47.96 -48.08
CA ARG B 90 -12.28 -47.92 -46.87
C ARG B 90 -11.38 -47.71 -45.66
N ASN B 91 -10.15 -48.19 -45.71
CA ASN B 91 -9.26 -47.97 -44.60
C ASN B 91 -8.67 -46.57 -44.64
N ALA B 92 -8.83 -45.89 -45.76
CA ALA B 92 -8.33 -44.53 -45.90
C ALA B 92 -9.31 -43.58 -45.22
N PHE B 93 -10.59 -43.95 -45.22
CA PHE B 93 -11.63 -43.12 -44.58
C PHE B 93 -11.47 -43.23 -43.08
N ALA B 94 -11.66 -44.43 -42.54
CA ALA B 94 -11.56 -44.67 -41.11
C ALA B 94 -10.33 -43.99 -40.50
N MET B 95 -9.42 -43.56 -41.37
CA MET B 95 -8.20 -42.87 -40.95
C MET B 95 -8.62 -41.51 -40.40
N PHE B 96 -9.87 -41.14 -40.59
CA PHE B 96 -10.40 -39.88 -40.08
C PHE B 96 -11.42 -40.18 -38.99
N ASP B 97 -12.06 -41.33 -39.10
CA ASP B 97 -13.04 -41.78 -38.12
C ASP B 97 -12.28 -42.31 -36.91
N GLU B 98 -11.81 -41.40 -36.06
CA GLU B 98 -11.04 -41.81 -34.88
C GLU B 98 -11.91 -42.34 -33.77
N GLN B 99 -12.97 -43.06 -34.15
CA GLN B 99 -13.88 -43.61 -33.16
C GLN B 99 -14.44 -44.93 -33.61
N GLU B 100 -14.00 -45.40 -34.77
CA GLU B 100 -14.47 -46.67 -35.28
C GLU B 100 -15.99 -46.69 -35.35
N THR B 101 -16.55 -45.82 -36.19
CA THR B 101 -17.98 -45.77 -36.37
C THR B 101 -18.29 -46.15 -37.82
N LYS B 102 -17.23 -46.35 -38.60
CA LYS B 102 -17.38 -46.70 -40.01
C LYS B 102 -18.30 -45.63 -40.57
N LYS B 103 -18.13 -44.41 -40.06
CA LYS B 103 -19.01 -43.34 -40.46
C LYS B 103 -18.42 -41.96 -40.23
N LEU B 104 -18.86 -40.99 -41.02
CA LEU B 104 -18.36 -39.63 -40.88
C LEU B 104 -19.48 -38.58 -40.96
N ASN B 105 -19.47 -37.64 -40.04
CA ASN B 105 -20.49 -36.60 -40.06
C ASN B 105 -20.38 -35.86 -41.38
N ILE B 106 -21.41 -36.05 -42.21
CA ILE B 106 -21.47 -35.47 -43.53
C ILE B 106 -20.83 -34.09 -43.71
N GLU B 107 -21.22 -33.12 -42.89
CA GLU B 107 -20.65 -31.78 -43.01
C GLU B 107 -19.16 -31.87 -42.84
N TYR B 108 -18.67 -32.98 -42.33
CA TYR B 108 -17.23 -33.09 -42.12
C TYR B 108 -16.51 -33.45 -43.40
N ILE B 109 -16.68 -34.70 -43.80
CA ILE B 109 -16.05 -35.22 -44.99
C ILE B 109 -16.35 -34.25 -46.11
N LYS B 110 -17.49 -33.55 -45.97
CA LYS B 110 -17.90 -32.60 -46.98
C LYS B 110 -16.87 -31.47 -47.06
N ASP B 111 -16.57 -30.87 -45.92
CA ASP B 111 -15.60 -29.80 -45.85
C ASP B 111 -14.22 -30.40 -46.01
N LEU B 112 -14.13 -31.69 -45.69
CA LEU B 112 -12.88 -32.43 -45.76
C LEU B 112 -12.45 -32.73 -47.19
N LEU B 113 -13.29 -32.34 -48.14
CA LEU B 113 -13.01 -32.59 -49.54
C LEU B 113 -13.02 -31.27 -50.29
N GLU B 114 -14.11 -30.53 -50.15
CA GLU B 114 -14.24 -29.27 -50.85
C GLU B 114 -13.15 -28.26 -50.49
N ASN B 115 -12.53 -28.40 -49.33
CA ASN B 115 -11.52 -27.43 -48.92
C ASN B 115 -10.18 -28.04 -48.51
N MET B 116 -10.09 -29.36 -48.60
CA MET B 116 -8.87 -30.04 -48.19
C MET B 116 -8.10 -30.58 -49.38
N GLY B 117 -6.84 -30.91 -49.14
CA GLY B 117 -6.00 -31.46 -50.18
C GLY B 117 -6.10 -30.59 -51.41
N ASP B 118 -6.88 -31.05 -52.35
CA ASP B 118 -7.06 -30.31 -53.56
C ASP B 118 -8.47 -29.84 -53.53
N ASN B 119 -8.63 -28.56 -53.74
CA ASN B 119 -9.96 -28.01 -53.66
C ASN B 119 -10.89 -28.87 -54.48
N PHE B 120 -11.64 -29.75 -53.83
CA PHE B 120 -12.59 -30.53 -54.59
C PHE B 120 -13.33 -29.38 -55.21
N ASN B 121 -13.45 -29.36 -56.53
CA ASN B 121 -14.11 -28.25 -57.16
C ASN B 121 -15.61 -28.42 -56.99
N LYS B 122 -16.32 -27.29 -56.99
CA LYS B 122 -17.76 -27.29 -56.80
C LYS B 122 -18.45 -28.42 -57.55
N ASP B 123 -18.28 -28.43 -58.86
CA ASP B 123 -18.91 -29.44 -59.70
C ASP B 123 -18.66 -30.86 -59.20
N GLU B 124 -17.40 -31.28 -59.19
CA GLU B 124 -17.04 -32.62 -58.75
C GLU B 124 -17.62 -32.93 -57.38
N MET B 125 -17.87 -31.89 -56.61
CA MET B 125 -18.44 -32.07 -55.29
C MET B 125 -19.86 -32.59 -55.40
N ARG B 126 -20.67 -31.89 -56.18
CA ARG B 126 -22.06 -32.25 -56.38
C ARG B 126 -22.26 -33.64 -56.99
N MET B 127 -21.65 -33.83 -58.17
CA MET B 127 -21.78 -35.09 -58.90
C MET B 127 -21.48 -36.29 -58.04
N THR B 128 -20.76 -36.09 -56.94
CA THR B 128 -20.42 -37.17 -56.02
C THR B 128 -21.56 -37.47 -55.05
N PHE B 129 -21.71 -36.59 -54.06
CA PHE B 129 -22.72 -36.72 -53.04
C PHE B 129 -24.12 -36.89 -53.58
N LYS B 130 -24.30 -36.63 -54.87
CA LYS B 130 -25.61 -36.77 -55.48
C LYS B 130 -26.29 -38.06 -55.05
N GLU B 131 -25.53 -39.15 -54.99
CA GLU B 131 -26.08 -40.45 -54.61
C GLU B 131 -25.57 -40.81 -53.24
N ALA B 132 -24.71 -39.95 -52.71
CA ALA B 132 -24.11 -40.15 -51.40
C ALA B 132 -25.02 -40.92 -50.48
N PRO B 133 -24.54 -42.07 -49.97
CA PRO B 133 -25.33 -42.91 -49.05
C PRO B 133 -25.50 -42.27 -47.69
N VAL B 134 -25.47 -40.94 -47.64
CA VAL B 134 -25.62 -40.22 -46.38
C VAL B 134 -26.99 -40.52 -45.72
N GLU B 135 -27.04 -40.34 -44.40
CA GLU B 135 -28.26 -40.58 -43.61
C GLU B 135 -28.01 -40.14 -42.15
N GLY B 136 -28.94 -39.35 -41.63
CA GLY B 136 -28.85 -38.83 -40.27
C GLY B 136 -27.58 -38.06 -39.98
N GLY B 137 -27.14 -37.24 -40.94
CA GLY B 137 -25.89 -36.49 -40.75
C GLY B 137 -24.68 -37.41 -40.88
N LYS B 138 -24.92 -38.72 -40.82
CA LYS B 138 -23.85 -39.72 -40.93
C LYS B 138 -23.41 -39.85 -42.39
N PHE B 139 -22.58 -40.83 -42.69
CA PHE B 139 -22.07 -41.02 -44.04
C PHE B 139 -21.33 -42.31 -43.99
N ASP B 140 -21.94 -43.38 -44.50
CA ASP B 140 -21.29 -44.66 -44.48
C ASP B 140 -20.26 -44.79 -45.62
N TYR B 141 -19.02 -44.36 -45.36
CA TYR B 141 -17.97 -44.42 -46.39
C TYR B 141 -17.70 -45.87 -46.70
N VAL B 142 -18.15 -46.74 -45.81
CA VAL B 142 -17.96 -48.15 -46.02
C VAL B 142 -18.78 -48.57 -47.24
N LYS B 143 -20.10 -48.41 -47.13
CA LYS B 143 -20.98 -48.77 -48.22
C LYS B 143 -20.71 -47.92 -49.46
N PHE B 144 -20.17 -46.72 -49.26
CA PHE B 144 -19.86 -45.85 -50.38
C PHE B 144 -18.68 -46.35 -51.18
N THR B 145 -17.68 -46.91 -50.51
CA THR B 145 -16.54 -47.43 -51.21
C THR B 145 -16.99 -48.73 -51.85
N ALA B 146 -17.76 -49.49 -51.09
CA ALA B 146 -18.24 -50.74 -51.62
C ALA B 146 -18.98 -50.43 -52.93
N MET B 147 -19.50 -49.21 -53.04
CA MET B 147 -20.24 -48.80 -54.23
C MET B 147 -19.36 -48.05 -55.23
N ILE B 148 -18.39 -47.32 -54.71
CA ILE B 148 -17.50 -46.53 -55.56
C ILE B 148 -16.90 -47.40 -56.65
N LYS B 149 -16.75 -48.69 -56.34
CA LYS B 149 -16.20 -49.65 -57.29
C LYS B 149 -16.02 -50.98 -56.55
N GLY B 150 -16.91 -51.92 -56.78
CA GLY B 150 -16.76 -53.19 -56.08
C GLY B 150 -18.01 -54.00 -55.89
N SER B 151 -18.00 -54.79 -54.80
CA SER B 151 -19.09 -55.67 -54.42
C SER B 151 -20.44 -54.97 -54.43
N GLY B 152 -21.51 -55.74 -54.36
CA GLY B 152 -22.83 -55.16 -54.36
C GLY B 152 -23.80 -55.85 -55.31
N GLU B 153 -23.71 -55.53 -56.60
CA GLU B 153 -24.58 -56.13 -57.63
C GLU B 153 -24.26 -55.54 -59.02
N GLU B 154 -24.70 -56.21 -60.08
CA GLU B 154 -24.47 -55.71 -61.44
C GLU B 154 -25.79 -55.73 -62.20
N LYS C 2 23.25 -20.10 -39.71
CA LYS C 2 22.02 -20.22 -40.55
C LYS C 2 21.44 -21.64 -40.44
N LEU C 3 20.76 -22.07 -41.49
CA LEU C 3 20.14 -23.39 -41.55
C LEU C 3 20.91 -24.28 -42.52
N SER C 4 20.68 -25.58 -42.43
CA SER C 4 21.35 -26.52 -43.33
C SER C 4 20.34 -27.07 -44.33
N GLN C 5 20.83 -27.42 -45.51
CA GLN C 5 19.97 -27.96 -46.56
C GLN C 5 19.16 -29.06 -45.92
N ASP C 6 19.84 -29.97 -45.22
CA ASP C 6 19.16 -31.07 -44.57
C ASP C 6 18.19 -30.54 -43.55
N GLU C 7 18.52 -29.40 -42.96
CA GLU C 7 17.64 -28.83 -41.97
C GLU C 7 16.41 -28.31 -42.71
N ILE C 8 16.62 -27.57 -43.78
CA ILE C 8 15.51 -27.04 -44.54
C ILE C 8 14.63 -28.17 -45.09
N ASP C 9 15.22 -29.36 -45.21
CA ASP C 9 14.51 -30.54 -45.71
C ASP C 9 13.47 -30.90 -44.68
N ASP C 10 13.64 -30.34 -43.49
CA ASP C 10 12.73 -30.57 -42.40
C ASP C 10 11.66 -29.49 -42.49
N LEU C 11 11.96 -28.44 -43.23
CA LEU C 11 11.03 -27.35 -43.39
C LEU C 11 10.23 -27.56 -44.69
N LYS C 12 10.92 -28.06 -45.69
CA LYS C 12 10.33 -28.33 -46.99
C LYS C 12 9.28 -29.44 -46.85
N ASP C 13 9.65 -30.50 -46.15
CA ASP C 13 8.77 -31.64 -45.95
C ASP C 13 7.51 -31.26 -45.16
N VAL C 14 7.67 -30.40 -44.15
CA VAL C 14 6.54 -29.99 -43.34
C VAL C 14 5.68 -28.94 -44.00
N PHE C 15 6.31 -28.00 -44.71
CA PHE C 15 5.55 -26.96 -45.41
C PHE C 15 4.54 -27.55 -46.38
N GLU C 16 5.04 -28.27 -47.38
CA GLU C 16 4.16 -28.87 -48.38
C GLU C 16 3.12 -29.75 -47.71
N LEU C 17 3.22 -29.89 -46.39
CA LEU C 17 2.27 -30.71 -45.67
C LEU C 17 1.18 -29.84 -45.07
N PHE C 18 1.49 -28.58 -44.80
CA PHE C 18 0.46 -27.71 -44.25
C PHE C 18 -0.30 -27.05 -45.39
N ASP C 19 0.41 -26.62 -46.44
CA ASP C 19 -0.22 -25.98 -47.58
C ASP C 19 -1.25 -26.93 -48.19
N PHE C 20 -0.99 -28.22 -47.98
CA PHE C 20 -1.86 -29.29 -48.45
C PHE C 20 -3.20 -29.27 -47.75
N TRP C 21 -3.22 -29.23 -46.43
CA TRP C 21 -4.49 -29.23 -45.74
C TRP C 21 -5.39 -28.03 -45.97
N ASP C 22 -4.80 -26.89 -46.28
CA ASP C 22 -5.62 -25.72 -46.57
C ASP C 22 -5.57 -25.50 -48.08
N GLY C 23 -5.50 -26.60 -48.82
CA GLY C 23 -5.46 -26.53 -50.26
C GLY C 23 -4.09 -26.34 -50.86
N ARG C 24 -3.71 -27.22 -51.79
CA ARG C 24 -2.41 -27.11 -52.42
C ARG C 24 -2.41 -25.91 -53.34
N ASP C 25 -1.89 -24.79 -52.88
CA ASP C 25 -1.86 -23.60 -53.73
C ASP C 25 -0.49 -23.00 -53.66
N GLY C 26 0.35 -23.61 -52.83
CA GLY C 26 1.70 -23.13 -52.66
C GLY C 26 1.78 -22.06 -51.59
N ALA C 27 0.74 -21.98 -50.76
CA ALA C 27 0.70 -20.98 -49.70
C ALA C 27 0.04 -21.50 -48.43
N VAL C 28 0.73 -21.28 -47.30
CA VAL C 28 0.24 -21.72 -46.00
C VAL C 28 -0.35 -20.57 -45.20
N ASP C 29 -1.44 -20.90 -44.51
CA ASP C 29 -2.20 -19.98 -43.68
C ASP C 29 -1.30 -19.39 -42.61
N ALA C 30 -1.27 -18.06 -42.52
CA ALA C 30 -0.45 -17.37 -41.54
C ALA C 30 -0.61 -17.92 -40.12
N PHE C 31 -1.87 -17.98 -39.66
CA PHE C 31 -2.16 -18.49 -38.32
C PHE C 31 -1.57 -19.88 -38.13
N LYS C 32 -1.66 -20.70 -39.18
CA LYS C 32 -1.14 -22.04 -39.11
C LYS C 32 0.37 -22.08 -39.06
N LEU C 33 1.01 -20.93 -39.30
CA LEU C 33 2.46 -20.81 -39.29
C LEU C 33 3.15 -21.18 -37.97
N GLY C 34 2.67 -20.63 -36.87
CA GLY C 34 3.26 -20.96 -35.58
C GLY C 34 3.12 -22.44 -35.30
N ASP C 35 1.94 -22.99 -35.57
CA ASP C 35 1.70 -24.41 -35.34
C ASP C 35 2.63 -25.23 -36.22
N VAL C 36 3.20 -24.60 -37.22
CA VAL C 36 4.13 -25.33 -38.08
C VAL C 36 5.50 -25.30 -37.50
N CYS C 37 5.95 -24.11 -37.14
CA CYS C 37 7.27 -23.97 -36.60
C CYS C 37 7.52 -24.87 -35.41
N ARG C 38 6.46 -25.40 -34.85
CA ARG C 38 6.58 -26.28 -33.71
C ARG C 38 7.04 -27.67 -34.19
N CYS C 39 6.74 -27.96 -35.46
CA CYS C 39 7.06 -29.23 -36.09
C CYS C 39 8.54 -29.27 -36.46
N LEU C 40 9.39 -28.72 -35.61
CA LEU C 40 10.81 -28.72 -35.91
C LEU C 40 11.59 -28.51 -34.63
N GLY C 41 11.13 -29.18 -33.57
CA GLY C 41 11.80 -29.08 -32.28
C GLY C 41 11.95 -27.68 -31.77
N ILE C 42 10.89 -26.88 -31.88
CA ILE C 42 10.93 -25.50 -31.43
C ILE C 42 9.69 -25.20 -30.62
N ASN C 43 9.77 -24.16 -29.80
CA ASN C 43 8.63 -23.77 -28.97
C ASN C 43 8.57 -22.26 -28.82
N PRO C 44 8.58 -21.54 -29.95
CA PRO C 44 8.52 -20.07 -29.95
C PRO C 44 7.31 -19.52 -29.18
N ARG C 45 7.48 -18.34 -28.58
CA ARG C 45 6.42 -17.70 -27.79
C ARG C 45 5.34 -17.13 -28.73
N ASN C 46 4.12 -16.94 -28.21
CA ASN C 46 3.00 -16.42 -28.97
C ASN C 46 3.35 -15.08 -29.61
N GLU C 47 3.58 -14.08 -28.76
CA GLU C 47 3.94 -12.74 -29.24
C GLU C 47 4.96 -12.85 -30.38
N ASP C 48 6.01 -13.63 -30.16
CA ASP C 48 7.07 -13.82 -31.14
C ASP C 48 6.52 -14.33 -32.49
N VAL C 49 5.72 -15.37 -32.44
CA VAL C 49 5.18 -15.94 -33.68
C VAL C 49 4.44 -14.88 -34.49
N PHE C 50 4.12 -13.77 -33.85
CA PHE C 50 3.41 -12.68 -34.50
C PHE C 50 4.42 -11.68 -35.02
N ALA C 51 5.54 -11.62 -34.31
CA ALA C 51 6.61 -10.71 -34.67
C ALA C 51 7.10 -11.11 -36.05
N VAL C 52 6.61 -12.21 -36.57
CA VAL C 52 7.03 -12.64 -37.89
C VAL C 52 5.81 -13.05 -38.69
N GLY C 53 4.93 -12.09 -38.94
CA GLY C 53 3.71 -12.36 -39.69
C GLY C 53 2.70 -13.07 -38.80
N GLY C 54 2.15 -14.18 -39.29
CA GLY C 54 1.20 -14.95 -38.52
C GLY C 54 -0.09 -14.20 -38.25
N THR C 55 -1.16 -14.96 -38.06
CA THR C 55 -2.47 -14.38 -37.81
C THR C 55 -3.26 -15.29 -36.91
N HIS C 56 -4.58 -15.10 -36.88
CA HIS C 56 -5.43 -15.94 -36.05
C HIS C 56 -6.50 -16.68 -36.84
N LYS C 57 -7.45 -15.92 -37.37
CA LYS C 57 -8.51 -16.52 -38.14
C LYS C 57 -7.97 -16.91 -39.48
N MET C 58 -8.22 -18.16 -39.88
CA MET C 58 -7.73 -18.63 -41.16
C MET C 58 -8.39 -17.88 -42.31
N GLY C 59 -7.67 -16.90 -42.84
CA GLY C 59 -8.17 -16.10 -43.94
C GLY C 59 -7.67 -14.67 -43.83
N GLU C 60 -6.36 -14.52 -43.72
CA GLU C 60 -5.75 -13.19 -43.61
C GLU C 60 -4.66 -13.07 -44.65
N LYS C 61 -3.74 -14.02 -44.63
CA LYS C 61 -2.64 -14.07 -45.58
C LYS C 61 -2.18 -15.52 -45.76
N SER C 62 -1.76 -15.82 -46.99
CA SER C 62 -1.29 -17.14 -47.36
C SER C 62 0.19 -16.89 -47.55
N LEU C 63 1.04 -17.66 -46.91
CA LEU C 63 2.45 -17.43 -47.09
C LEU C 63 2.98 -18.39 -48.11
N PRO C 64 3.95 -17.96 -48.91
CA PRO C 64 4.47 -18.90 -49.89
C PRO C 64 5.70 -19.49 -49.24
N PHE C 65 6.65 -19.92 -50.04
CA PHE C 65 7.84 -20.51 -49.47
C PHE C 65 8.98 -19.53 -49.33
N GLU C 66 9.37 -18.91 -50.45
CA GLU C 66 10.49 -17.97 -50.45
C GLU C 66 10.29 -16.91 -49.38
N GLU C 67 9.14 -16.96 -48.72
CA GLU C 67 8.86 -16.01 -47.69
C GLU C 67 8.67 -16.74 -46.37
N PHE C 68 8.16 -17.97 -46.44
CA PHE C 68 7.94 -18.75 -45.24
C PHE C 68 9.26 -19.01 -44.50
N LEU C 69 10.30 -19.36 -45.27
CA LEU C 69 11.61 -19.65 -44.68
C LEU C 69 12.23 -18.48 -43.94
N PRO C 70 12.45 -17.35 -44.63
CA PRO C 70 13.05 -16.21 -43.92
C PRO C 70 12.41 -15.91 -42.57
N ALA C 71 11.18 -16.39 -42.36
CA ALA C 71 10.47 -16.16 -41.10
C ALA C 71 11.00 -17.10 -40.01
N TYR C 72 11.29 -18.32 -40.40
CA TYR C 72 11.86 -19.30 -39.49
C TYR C 72 13.22 -18.73 -39.04
N GLU C 73 13.88 -18.02 -39.96
CA GLU C 73 15.20 -17.40 -39.74
C GLU C 73 15.19 -16.52 -38.51
N GLY C 74 13.99 -16.10 -38.12
CA GLY C 74 13.92 -15.25 -36.94
C GLY C 74 13.55 -16.06 -35.74
N LEU C 75 12.40 -16.71 -35.79
CA LEU C 75 11.93 -17.51 -34.65
C LEU C 75 12.90 -18.67 -34.38
N MET C 76 14.19 -18.37 -34.54
CA MET C 76 15.27 -19.30 -34.31
C MET C 76 16.39 -18.72 -33.43
N ASP C 77 16.38 -17.40 -33.22
CA ASP C 77 17.37 -16.78 -32.34
C ASP C 77 16.64 -16.23 -31.12
N CYS C 78 15.46 -16.79 -30.85
CA CYS C 78 14.68 -16.37 -29.68
C CYS C 78 14.61 -17.47 -28.60
N GLU C 79 14.55 -17.00 -27.35
CA GLU C 79 14.55 -17.78 -26.09
C GLU C 79 13.75 -19.07 -25.81
N GLN C 80 14.45 -20.09 -25.32
CA GLN C 80 13.85 -21.37 -24.93
C GLN C 80 14.06 -21.55 -23.43
N GLY C 81 13.05 -22.12 -22.78
CA GLY C 81 13.11 -22.31 -21.35
C GLY C 81 13.88 -23.50 -20.79
N THR C 82 14.99 -23.22 -20.12
CA THR C 82 15.81 -24.26 -19.51
C THR C 82 15.04 -24.92 -18.40
N PHE C 83 15.47 -26.11 -17.98
CA PHE C 83 14.80 -26.81 -16.91
C PHE C 83 14.69 -25.90 -15.69
N ALA C 84 15.72 -25.08 -15.53
CA ALA C 84 15.82 -24.15 -14.41
C ALA C 84 14.67 -23.18 -14.42
N ASP C 85 14.75 -22.24 -15.34
CA ASP C 85 13.72 -21.24 -15.49
C ASP C 85 12.37 -21.74 -15.05
N TYR C 86 11.86 -22.78 -15.73
CA TYR C 86 10.55 -23.31 -15.40
C TYR C 86 10.51 -23.65 -13.93
N MET C 87 11.50 -24.41 -13.49
CA MET C 87 11.59 -24.82 -12.10
C MET C 87 11.55 -23.65 -11.12
N GLU C 88 12.38 -22.65 -11.36
CA GLU C 88 12.42 -21.46 -10.52
C GLU C 88 11.04 -20.78 -10.49
N ALA C 89 10.38 -20.73 -11.66
CA ALA C 89 9.05 -20.11 -11.78
C ALA C 89 8.10 -20.87 -10.89
N PHE C 90 7.71 -22.07 -11.32
CA PHE C 90 6.88 -22.93 -10.51
C PHE C 90 7.19 -22.78 -9.03
N LYS C 91 8.46 -22.85 -8.67
CA LYS C 91 8.83 -22.67 -7.27
C LYS C 91 8.12 -21.44 -6.65
N THR C 92 8.05 -20.35 -7.41
CA THR C 92 7.43 -19.11 -6.91
C THR C 92 5.94 -19.28 -6.64
N PHE C 93 5.52 -20.52 -6.48
CA PHE C 93 4.14 -20.85 -6.18
C PHE C 93 4.11 -21.93 -5.11
N ASP C 94 5.29 -22.44 -4.79
CA ASP C 94 5.41 -23.49 -3.78
C ASP C 94 5.81 -22.87 -2.47
N ARG C 95 4.88 -22.92 -1.51
CA ARG C 95 5.11 -22.36 -0.19
C ARG C 95 5.63 -23.41 0.78
N GLU C 96 4.95 -24.55 0.86
CA GLU C 96 5.37 -25.62 1.74
C GLU C 96 6.87 -25.91 1.65
N GLY C 97 7.28 -26.49 0.52
CA GLY C 97 8.68 -26.81 0.31
C GLY C 97 8.92 -28.12 -0.44
N GLN C 98 8.23 -29.18 0.00
CA GLN C 98 8.38 -30.50 -0.63
C GLN C 98 8.46 -30.39 -2.15
N GLY C 99 7.83 -29.35 -2.68
CA GLY C 99 7.82 -29.12 -4.12
C GLY C 99 6.57 -29.62 -4.81
N PHE C 100 5.44 -29.54 -4.11
CA PHE C 100 4.16 -29.99 -4.65
C PHE C 100 3.29 -28.79 -4.99
N ILE C 101 2.52 -28.89 -6.07
CA ILE C 101 1.62 -27.82 -6.47
C ILE C 101 0.19 -28.35 -6.46
N SER C 102 -0.70 -27.61 -5.83
CA SER C 102 -2.11 -28.00 -5.75
C SER C 102 -2.72 -28.11 -7.13
N GLY C 103 -3.78 -28.91 -7.22
CA GLY C 103 -4.46 -29.11 -8.47
C GLY C 103 -4.89 -27.85 -9.20
N ALA C 104 -6.00 -27.28 -8.76
CA ALA C 104 -6.57 -26.09 -9.38
C ALA C 104 -5.49 -25.15 -9.86
N GLU C 105 -4.53 -24.90 -9.01
CA GLU C 105 -3.46 -24.01 -9.36
C GLU C 105 -2.84 -24.33 -10.73
N LEU C 106 -2.53 -25.58 -10.99
CA LEU C 106 -1.88 -25.91 -12.26
C LEU C 106 -2.78 -25.44 -13.37
N ARG C 107 -4.02 -25.91 -13.37
CA ARG C 107 -4.96 -25.54 -14.41
C ARG C 107 -5.23 -24.04 -14.36
N HIS C 108 -4.80 -23.43 -13.26
CA HIS C 108 -4.96 -22.00 -13.06
C HIS C 108 -3.83 -21.21 -13.68
N VAL C 109 -2.61 -21.55 -13.30
CA VAL C 109 -1.46 -20.85 -13.81
C VAL C 109 -1.30 -21.05 -15.30
N LEU C 110 -1.71 -22.21 -15.78
CA LEU C 110 -1.62 -22.52 -17.19
C LEU C 110 -2.58 -21.68 -17.99
N THR C 111 -3.56 -21.09 -17.31
CA THR C 111 -4.55 -20.26 -17.96
C THR C 111 -4.53 -18.82 -17.44
N ALA C 112 -4.81 -18.65 -16.16
CA ALA C 112 -4.81 -17.32 -15.56
C ALA C 112 -3.61 -16.49 -15.99
N LEU C 113 -2.49 -16.75 -15.32
CA LEU C 113 -1.25 -16.03 -15.56
C LEU C 113 -0.66 -16.35 -16.90
N GLY C 114 0.43 -15.67 -17.21
CA GLY C 114 1.11 -15.90 -18.47
C GLY C 114 0.18 -15.66 -19.61
N GLU C 115 -0.30 -16.73 -20.21
CA GLU C 115 -1.19 -16.59 -21.34
C GLU C 115 -2.05 -17.82 -21.38
N ARG C 116 -3.17 -17.72 -20.69
CA ARG C 116 -4.15 -18.78 -20.64
C ARG C 116 -4.16 -19.32 -22.02
N LEU C 117 -4.19 -20.62 -22.21
CA LEU C 117 -4.30 -20.99 -23.58
C LEU C 117 -5.64 -21.62 -23.88
N SER C 118 -5.97 -22.76 -23.28
CA SER C 118 -7.29 -23.34 -23.55
C SER C 118 -7.66 -24.41 -22.57
N ASP C 119 -8.88 -24.33 -22.03
CA ASP C 119 -9.34 -25.31 -21.08
C ASP C 119 -9.04 -26.70 -21.64
N GLU C 120 -9.39 -26.90 -22.90
CA GLU C 120 -9.18 -28.16 -23.57
C GLU C 120 -7.70 -28.49 -23.45
N ASP C 121 -6.88 -27.67 -24.09
CA ASP C 121 -5.44 -27.84 -24.08
C ASP C 121 -4.93 -28.41 -22.77
N VAL C 122 -4.91 -27.59 -21.72
CA VAL C 122 -4.46 -28.07 -20.43
C VAL C 122 -5.09 -29.44 -20.14
N ASP C 123 -6.38 -29.61 -20.40
CA ASP C 123 -7.01 -30.88 -20.12
C ASP C 123 -6.42 -31.98 -21.01
N GLU C 124 -5.76 -31.55 -22.08
CA GLU C 124 -5.16 -32.46 -23.02
C GLU C 124 -3.72 -32.75 -22.63
N ILE C 125 -3.03 -31.71 -22.19
CA ILE C 125 -1.64 -31.82 -21.79
C ILE C 125 -1.53 -32.80 -20.63
N ILE C 126 -2.61 -32.90 -19.86
CA ILE C 126 -2.66 -33.79 -18.72
C ILE C 126 -3.09 -35.18 -19.17
N LYS C 127 -4.31 -35.25 -19.66
CA LYS C 127 -4.85 -36.51 -20.15
C LYS C 127 -3.79 -37.15 -21.03
N LEU C 128 -2.82 -36.35 -21.46
CA LEU C 128 -1.79 -36.89 -22.32
C LEU C 128 -0.58 -37.37 -21.58
N THR C 129 0.32 -36.46 -21.28
CA THR C 129 1.54 -36.84 -20.60
C THR C 129 1.23 -37.43 -19.25
N ASP C 130 -0.01 -37.85 -19.10
CA ASP C 130 -0.39 -38.58 -17.94
C ASP C 130 0.09 -38.11 -16.59
N LEU C 131 -0.49 -37.04 -16.10
CA LEU C 131 -0.10 -36.55 -14.80
C LEU C 131 -1.32 -36.79 -13.92
N GLN C 132 -1.12 -37.58 -12.86
CA GLN C 132 -2.19 -37.91 -11.94
C GLN C 132 -1.97 -37.21 -10.61
N GLU C 133 -3.06 -36.70 -10.04
CA GLU C 133 -3.01 -36.01 -8.76
C GLU C 133 -2.99 -37.06 -7.67
N ASP C 134 -2.25 -36.79 -6.60
CA ASP C 134 -2.17 -37.72 -5.49
C ASP C 134 -3.58 -37.89 -4.95
N LEU C 135 -3.69 -38.51 -3.78
CA LEU C 135 -4.98 -38.76 -3.17
C LEU C 135 -5.49 -37.60 -2.28
N GLU C 136 -4.69 -36.53 -2.20
CA GLU C 136 -5.07 -35.32 -1.44
C GLU C 136 -5.54 -34.32 -2.47
N GLY C 137 -4.61 -33.84 -3.29
CA GLY C 137 -4.94 -32.89 -4.33
C GLY C 137 -3.71 -32.10 -4.74
N ASN C 138 -2.66 -32.80 -5.10
CA ASN C 138 -1.44 -32.12 -5.45
C ASN C 138 -0.52 -32.98 -6.30
N VAL C 139 0.18 -32.33 -7.22
CA VAL C 139 1.10 -33.00 -8.13
C VAL C 139 2.47 -32.34 -8.07
N LYS C 140 3.53 -33.16 -8.05
CA LYS C 140 4.88 -32.63 -8.01
C LYS C 140 5.24 -32.14 -9.40
N TYR C 141 5.21 -30.80 -9.54
CA TYR C 141 5.50 -30.14 -10.80
C TYR C 141 6.85 -30.54 -11.38
N GLU C 142 7.88 -30.57 -10.54
CA GLU C 142 9.21 -30.96 -10.99
C GLU C 142 9.05 -32.15 -11.96
N ASP C 143 8.43 -33.24 -11.46
CA ASP C 143 8.22 -34.45 -12.25
C ASP C 143 7.34 -34.23 -13.48
N PHE C 144 6.59 -33.14 -13.46
CA PHE C 144 5.73 -32.83 -14.59
C PHE C 144 6.56 -32.15 -15.68
N VAL C 145 7.02 -30.94 -15.38
CA VAL C 145 7.81 -30.14 -16.30
C VAL C 145 8.87 -30.97 -17.00
N LYS C 146 9.24 -32.10 -16.42
CA LYS C 146 10.24 -32.97 -17.05
C LYS C 146 9.65 -33.59 -18.31
N LYS C 147 8.42 -34.09 -18.18
CA LYS C 147 7.70 -34.75 -19.26
C LYS C 147 7.47 -33.85 -20.48
N VAL C 148 7.13 -32.60 -20.20
CA VAL C 148 6.91 -31.61 -21.23
C VAL C 148 8.20 -31.38 -22.01
N MET C 149 9.27 -31.05 -21.28
CA MET C 149 10.57 -30.81 -21.87
C MET C 149 10.98 -31.96 -22.73
N ALA C 150 10.82 -33.16 -22.18
CA ALA C 150 11.19 -34.37 -22.89
C ALA C 150 10.61 -34.38 -24.31
N GLY C 151 9.30 -34.36 -24.41
CA GLY C 151 8.68 -34.42 -25.71
C GLY C 151 7.76 -35.61 -25.70
N PRO C 152 6.78 -35.62 -26.60
CA PRO C 152 5.80 -36.70 -26.70
C PRO C 152 6.43 -38.02 -27.13
N TYR C 153 7.56 -37.94 -27.81
CA TYR C 153 8.26 -39.13 -28.28
C TYR C 153 9.63 -39.26 -27.64
N PRO C 154 9.67 -39.89 -26.46
CA PRO C 154 10.92 -40.09 -25.71
C PRO C 154 11.73 -41.25 -26.28
#